data_7RRD
#
_entry.id   7RRD
#
_cell.length_a   85.895
_cell.length_b   95.125
_cell.length_c   129.325
_cell.angle_alpha   90.000
_cell.angle_beta   90.000
_cell.angle_gamma   90.000
#
_symmetry.space_group_name_H-M   'P 21 21 21'
#
loop_
_entity.id
_entity.type
_entity.pdbx_description
1 polymer 'Indoleamine 2,3-dioxygenase 1'
2 non-polymer 3-[4-(1H-benzimidazol-2-yl)phenyl]-N-(4-fluorophenyl)oxetane-3-carboxamide
3 water water
#
_entity_poly.entity_id   1
_entity_poly.type   'polypeptide(L)'
_entity_poly.pdbx_seq_one_letter_code
;MISKEYHIDEEVGFALPNPQENLPDFYNDWMFIAKHLPDLIESGQLRERVEKLNMLSIDHLTDHKSQRLARLVLGCITMA
YVWGKGHGDVRKVLPRNIAVPYCQLSKKLELPPILVYADCVLANWKKKDPNKPLTYENMDVLFSFRDGDCSKGFFLVSLL
VEIAAASAIKVIPTVFKAMQMQERDTLLKALLEIASCLEKALQVFHQIHDHVNPKAFFSVLRIYLSGWKGNPQLSDGLVY
EGFWEDPKEFAGGSAGQSSVFQCFDVLLGIQQTAGGGHAAQFLQDMRRYMPPAHRNFLCSLESNPSVREFVLSKGDAGLR
EAYDACVKALVSLRSYHLQIVTKYILIPASQQPKENKTSEDPSKLEAKGTGGTDLMNFLKTVRSTTEKSLLKEG
;
_entity_poly.pdbx_strand_id   A,B
#
loop_
_chem_comp.id
_chem_comp.type
_chem_comp.name
_chem_comp.formula
6IZ non-polymer 3-[4-(1H-benzimidazol-2-yl)phenyl]-N-(4-fluorophenyl)oxetane-3-carboxamide 'C23 H18 F N3 O2'
#
# COMPACT_ATOMS: atom_id res chain seq x y z
N MET A 1 -25.48 -8.01 2.46
CA MET A 1 -25.17 -7.12 1.30
C MET A 1 -24.01 -6.16 1.60
N ILE A 2 -23.28 -5.78 0.55
CA ILE A 2 -22.12 -4.88 0.66
C ILE A 2 -22.60 -3.45 0.92
N SER A 3 -21.82 -2.69 1.69
CA SER A 3 -22.15 -1.29 1.99
C SER A 3 -22.10 -0.42 0.72
N LYS A 4 -23.00 0.56 0.65
CA LYS A 4 -23.10 1.46 -0.51
C LYS A 4 -21.96 2.49 -0.60
N GLU A 5 -21.24 2.72 0.51
CA GLU A 5 -20.06 3.60 0.51
C GLU A 5 -18.88 3.06 -0.31
N TYR A 6 -18.84 1.75 -0.53
CA TYR A 6 -17.83 1.13 -1.41
C TYR A 6 -18.17 1.22 -2.91
N HIS A 7 -19.39 1.67 -3.24
CA HIS A 7 -19.83 1.88 -4.63
C HIS A 7 -19.59 0.68 -5.55
N ILE A 8 -20.22 -0.43 -5.19
CA ILE A 8 -20.18 -1.68 -5.95
C ILE A 8 -21.61 -2.02 -6.34
N ASP A 9 -21.85 -2.19 -7.64
CA ASP A 9 -23.18 -2.47 -8.15
C ASP A 9 -23.48 -3.98 -8.15
N GLU A 10 -24.73 -4.34 -7.88
CA GLU A 10 -25.16 -5.75 -7.86
C GLU A 10 -24.99 -6.44 -9.22
N GLU A 11 -25.24 -5.71 -10.30
CA GLU A 11 -25.14 -6.23 -11.66
C GLU A 11 -23.72 -6.10 -12.22
N VAL A 12 -23.17 -4.90 -12.16
CA VAL A 12 -21.91 -4.59 -12.86
C VAL A 12 -20.65 -4.49 -11.97
N GLY A 13 -20.81 -4.76 -10.67
CA GLY A 13 -19.67 -4.83 -9.74
C GLY A 13 -18.96 -3.49 -9.50
N PHE A 14 -17.65 -3.48 -9.73
CA PHE A 14 -16.84 -2.26 -9.63
C PHE A 14 -17.04 -1.31 -10.82
N ALA A 15 -17.64 -1.80 -11.91
CA ALA A 15 -17.92 -0.94 -13.06
C ALA A 15 -18.93 0.15 -12.71
N LEU A 16 -18.80 1.30 -13.37
CA LEU A 16 -19.73 2.42 -13.22
C LEU A 16 -21.04 2.06 -13.94
N PRO A 17 -22.15 1.92 -13.18
CA PRO A 17 -23.41 1.50 -13.82
C PRO A 17 -24.02 2.61 -14.67
N ASN A 18 -24.41 2.26 -15.91
CA ASN A 18 -25.01 3.21 -16.85
C ASN A 18 -24.29 4.56 -16.87
N PRO A 19 -23.04 4.58 -17.36
CA PRO A 19 -22.24 5.80 -17.33
C PRO A 19 -22.69 6.81 -18.37
N GLN A 20 -22.38 8.08 -18.12
CA GLN A 20 -22.88 9.20 -18.91
C GLN A 20 -22.21 9.24 -20.28
N GLU A 21 -22.99 9.56 -21.33
CA GLU A 21 -22.47 9.66 -22.71
C GLU A 21 -22.09 11.10 -23.11
N ASN A 22 -22.81 12.07 -22.57
CA ASN A 22 -22.65 13.47 -22.94
C ASN A 22 -22.42 14.34 -21.71
N LEU A 23 -21.40 15.19 -21.78
CA LEU A 23 -21.16 16.22 -20.77
C LEU A 23 -22.14 17.37 -20.98
N PRO A 24 -22.28 18.28 -19.99
CA PRO A 24 -23.06 19.50 -20.22
C PRO A 24 -22.48 20.40 -21.33
N ASP A 25 -23.34 21.28 -21.84
CA ASP A 25 -22.99 22.16 -22.98
C ASP A 25 -21.71 22.98 -22.76
N PHE A 26 -21.45 23.37 -21.51
CA PHE A 26 -20.24 24.11 -21.15
C PHE A 26 -18.93 23.46 -21.66
N TYR A 27 -18.92 22.12 -21.77
CA TYR A 27 -17.74 21.36 -22.18
C TYR A 27 -17.88 20.71 -23.58
N ASN A 28 -18.50 21.43 -24.52
CA ASN A 28 -18.66 20.90 -25.90
C ASN A 28 -17.34 20.78 -26.66
N ASP A 29 -16.42 21.71 -26.42
CA ASP A 29 -15.09 21.66 -27.05
C ASP A 29 -14.30 20.42 -26.65
N TRP A 30 -14.41 20.00 -25.40
CA TRP A 30 -13.80 18.75 -24.94
C TRP A 30 -14.38 17.55 -25.70
N MET A 31 -15.72 17.47 -25.73
CA MET A 31 -16.42 16.39 -26.42
C MET A 31 -16.19 16.37 -27.94
N PHE A 32 -16.02 17.55 -28.55
CA PHE A 32 -15.72 17.66 -29.97
C PHE A 32 -14.43 16.93 -30.35
N ILE A 33 -13.40 17.13 -29.52
CA ILE A 33 -12.08 16.53 -29.74
C ILE A 33 -12.15 15.03 -29.46
N ALA A 34 -12.64 14.67 -28.28
CA ALA A 34 -12.70 13.26 -27.84
C ALA A 34 -13.51 12.36 -28.77
N LYS A 35 -14.63 12.87 -29.30
CA LYS A 35 -15.47 12.11 -30.23
C LYS A 35 -14.82 11.82 -31.58
N HIS A 36 -13.95 12.72 -32.03
CA HIS A 36 -13.30 12.62 -33.34
C HIS A 36 -11.78 12.41 -33.25
N LEU A 37 -11.33 11.67 -32.23
CA LEU A 37 -9.89 11.41 -32.03
C LEU A 37 -9.23 10.62 -33.17
N PRO A 38 -9.88 9.53 -33.66
CA PRO A 38 -9.35 8.81 -34.82
C PRO A 38 -9.07 9.66 -36.06
N ASP A 39 -9.95 10.64 -36.33
CA ASP A 39 -9.75 11.59 -37.43
C ASP A 39 -8.69 12.64 -37.08
N LEU A 40 -8.80 13.25 -35.90
CA LEU A 40 -7.91 14.36 -35.50
C LEU A 40 -6.45 13.97 -35.28
N ILE A 41 -6.21 12.75 -34.78
CA ILE A 41 -4.85 12.21 -34.63
C ILE A 41 -4.23 11.91 -36.00
N GLU A 42 -4.97 11.19 -36.84
CA GLU A 42 -4.50 10.75 -38.18
C GLU A 42 -4.21 11.93 -39.12
N SER A 43 -5.10 12.93 -39.10
CA SER A 43 -4.92 14.16 -39.88
C SER A 43 -3.98 15.18 -39.23
N GLY A 44 -3.57 14.93 -37.98
CA GLY A 44 -2.54 15.75 -37.32
C GLY A 44 -3.02 17.10 -36.79
N GLN A 45 -4.31 17.23 -36.49
CA GLN A 45 -4.88 18.47 -35.93
C GLN A 45 -5.31 18.33 -34.46
N LEU A 46 -5.07 17.16 -33.86
CA LEU A 46 -5.39 16.92 -32.44
C LEU A 46 -4.63 17.87 -31.52
N ARG A 47 -3.31 17.94 -31.71
CA ARG A 47 -2.46 18.78 -30.87
C ARG A 47 -2.75 20.28 -31.00
N GLU A 48 -2.95 20.74 -32.23
CA GLU A 48 -3.35 22.13 -32.47
C GLU A 48 -4.68 22.44 -31.79
N ARG A 49 -5.67 21.55 -31.98
CA ARG A 49 -7.02 21.72 -31.39
C ARG A 49 -6.98 21.88 -29.88
N VAL A 50 -6.19 21.02 -29.21
CA VAL A 50 -6.02 21.08 -27.75
C VAL A 50 -5.30 22.36 -27.32
N GLU A 51 -4.26 22.72 -28.07
CA GLU A 51 -3.50 23.97 -27.82
C GLU A 51 -4.36 25.25 -27.97
N LYS A 52 -5.36 25.21 -28.85
CA LYS A 52 -6.28 26.35 -29.05
C LYS A 52 -7.48 26.42 -28.08
N LEU A 53 -7.64 25.41 -27.21
CA LEU A 53 -8.73 25.39 -26.22
C LEU A 53 -8.61 26.52 -25.19
N ASN A 54 -9.73 26.88 -24.58
CA ASN A 54 -9.74 27.71 -23.39
C ASN A 54 -9.56 26.84 -22.14
N MET A 55 -9.09 27.45 -21.06
CA MET A 55 -9.07 26.78 -19.76
C MET A 55 -10.48 26.89 -19.17
N LEU A 56 -11.15 25.74 -19.03
CA LEU A 56 -12.51 25.67 -18.52
C LEU A 56 -12.50 25.21 -17.06
N SER A 57 -13.37 25.79 -16.25
CA SER A 57 -13.54 25.40 -14.85
C SER A 57 -14.22 24.04 -14.75
N ILE A 58 -13.85 23.27 -13.72
CA ILE A 58 -14.50 21.96 -13.45
C ILE A 58 -15.78 22.06 -12.61
N ASP A 59 -16.14 23.26 -12.16
CA ASP A 59 -17.24 23.46 -11.20
C ASP A 59 -18.64 23.19 -11.76
N HIS A 60 -18.77 23.14 -13.09
CA HIS A 60 -20.05 22.81 -13.74
C HIS A 60 -20.25 21.30 -13.95
N LEU A 61 -19.24 20.50 -13.59
CA LEU A 61 -19.37 19.04 -13.50
C LEU A 61 -19.84 18.70 -12.08
N THR A 62 -21.16 18.62 -11.90
CA THR A 62 -21.76 18.51 -10.57
C THR A 62 -21.76 17.06 -10.04
N ASP A 63 -22.54 16.18 -10.67
CA ASP A 63 -22.67 14.79 -10.21
C ASP A 63 -21.46 13.91 -10.55
N HIS A 64 -21.42 12.71 -9.96
CA HIS A 64 -20.29 11.78 -10.10
C HIS A 64 -20.06 11.32 -11.54
N LYS A 65 -21.14 10.89 -12.20
CA LYS A 65 -21.06 10.36 -13.57
C LYS A 65 -20.53 11.36 -14.59
N SER A 66 -20.88 12.64 -14.41
CA SER A 66 -20.36 13.71 -15.27
C SER A 66 -18.86 13.92 -15.04
N GLN A 67 -18.45 13.94 -13.77
CA GLN A 67 -17.02 14.06 -13.40
C GLN A 67 -16.20 12.88 -13.94
N ARG A 68 -16.76 11.67 -13.87
CA ARG A 68 -16.13 10.47 -14.43
C ARG A 68 -16.02 10.51 -15.96
N LEU A 69 -17.09 10.94 -16.63
CA LEU A 69 -17.06 11.11 -18.09
C LEU A 69 -15.99 12.11 -18.51
N ALA A 70 -15.88 13.21 -17.76
CA ALA A 70 -14.85 14.23 -18.02
C ALA A 70 -13.45 13.64 -17.91
N ARG A 71 -13.21 12.84 -16.87
CA ARG A 71 -11.94 12.13 -16.71
C ARG A 71 -11.60 11.23 -17.89
N LEU A 72 -12.61 10.51 -18.40
CA LEU A 72 -12.44 9.69 -19.60
C LEU A 72 -12.09 10.55 -20.81
N VAL A 73 -12.87 11.62 -21.02
CA VAL A 73 -12.65 12.56 -22.13
C VAL A 73 -11.24 13.14 -22.05
N LEU A 74 -10.95 13.83 -20.95
CA LEU A 74 -9.65 14.48 -20.72
C LEU A 74 -8.47 13.50 -20.76
N GLY A 75 -8.67 12.30 -20.20
CA GLY A 75 -7.65 11.25 -20.21
C GLY A 75 -7.29 10.78 -21.61
N CYS A 76 -8.31 10.48 -22.41
CA CYS A 76 -8.09 10.09 -23.82
C CYS A 76 -7.43 11.20 -24.62
N ILE A 77 -7.87 12.43 -24.39
CA ILE A 77 -7.30 13.61 -25.06
C ILE A 77 -5.82 13.77 -24.67
N THR A 78 -5.51 13.53 -23.39
CA THR A 78 -4.13 13.61 -22.89
C THR A 78 -3.22 12.58 -23.56
N MET A 79 -3.67 11.33 -23.65
CA MET A 79 -2.88 10.27 -24.27
C MET A 79 -2.65 10.52 -25.75
N ALA A 80 -3.69 11.00 -26.44
CA ALA A 80 -3.57 11.41 -27.84
C ALA A 80 -2.57 12.55 -27.99
N TYR A 81 -2.63 13.53 -27.08
CA TYR A 81 -1.72 14.66 -27.10
C TYR A 81 -0.28 14.24 -26.81
N VAL A 82 -0.09 13.39 -25.81
CA VAL A 82 1.25 12.98 -25.41
C VAL A 82 1.94 12.15 -26.49
N TRP A 83 1.23 11.15 -27.00
CA TRP A 83 1.81 10.20 -27.98
C TRP A 83 1.59 10.58 -29.44
N GLY A 84 0.62 11.46 -29.74
CA GLY A 84 0.34 11.87 -31.12
C GLY A 84 -0.16 10.72 -31.97
N LYS A 85 0.45 10.54 -33.14
CA LYS A 85 0.17 9.40 -34.02
C LYS A 85 0.74 8.06 -33.51
N GLY A 86 1.61 8.12 -32.50
CA GLY A 86 2.18 6.93 -31.88
C GLY A 86 3.37 6.37 -32.65
N HIS A 87 4.24 7.26 -33.12
CA HIS A 87 5.50 6.89 -33.79
C HIS A 87 6.71 7.49 -33.05
N GLY A 88 6.63 7.55 -31.73
CA GLY A 88 7.71 8.10 -30.91
C GLY A 88 7.93 9.61 -30.97
N ASP A 89 6.92 10.35 -31.43
CA ASP A 89 6.94 11.80 -31.40
C ASP A 89 6.14 12.23 -30.16
N VAL A 90 6.86 12.70 -29.13
CA VAL A 90 6.31 12.78 -27.77
C VAL A 90 6.23 14.22 -27.26
N ARG A 91 5.09 14.57 -26.66
CA ARG A 91 4.93 15.87 -25.99
C ARG A 91 5.32 15.73 -24.53
N LYS A 92 6.42 16.38 -24.14
CA LYS A 92 6.90 16.37 -22.76
C LYS A 92 6.14 17.33 -21.83
N VAL A 93 5.29 18.19 -22.39
CA VAL A 93 4.51 19.18 -21.63
C VAL A 93 3.04 19.12 -22.03
N LEU A 94 2.16 18.98 -21.04
CA LEU A 94 0.71 19.07 -21.24
C LEU A 94 0.28 20.52 -21.00
N PRO A 95 -0.41 21.16 -21.97
CA PRO A 95 -0.74 22.59 -21.82
C PRO A 95 -1.72 22.88 -20.67
N ARG A 96 -1.54 24.03 -20.03
CA ARG A 96 -2.29 24.41 -18.82
C ARG A 96 -3.82 24.45 -19.00
N ASN A 97 -4.29 24.79 -20.20
CA ASN A 97 -5.73 24.86 -20.50
C ASN A 97 -6.46 23.51 -20.36
N ILE A 98 -5.76 22.43 -20.70
CA ILE A 98 -6.24 21.06 -20.44
C ILE A 98 -5.69 20.50 -19.11
N ALA A 99 -4.46 20.86 -18.75
CA ALA A 99 -3.78 20.25 -17.59
C ALA A 99 -4.36 20.65 -16.22
N VAL A 100 -4.65 21.93 -16.05
CA VAL A 100 -5.19 22.43 -14.78
C VAL A 100 -6.56 21.82 -14.43
N PRO A 101 -7.58 21.94 -15.33
CA PRO A 101 -8.85 21.24 -15.06
C PRO A 101 -8.73 19.72 -14.90
N TYR A 102 -7.87 19.08 -15.69
CA TYR A 102 -7.67 17.63 -15.59
C TYR A 102 -7.07 17.24 -14.25
N CYS A 103 -6.11 18.03 -13.76
CA CYS A 103 -5.50 17.79 -12.44
C CYS A 103 -6.43 18.13 -11.28
N GLN A 104 -7.21 19.20 -11.42
CA GLN A 104 -8.21 19.59 -10.42
C GLN A 104 -9.33 18.55 -10.28
N LEU A 105 -9.84 18.10 -11.43
CA LEU A 105 -10.80 16.99 -11.51
C LEU A 105 -10.19 15.69 -10.96
N SER A 106 -8.93 15.44 -11.31
CA SER A 106 -8.20 14.27 -10.81
C SER A 106 -8.07 14.27 -9.29
N LYS A 107 -7.72 15.44 -8.72
CA LYS A 107 -7.62 15.58 -7.26
C LYS A 107 -8.98 15.38 -6.58
N LYS A 108 -10.03 15.95 -7.16
CA LYS A 108 -11.39 15.84 -6.62
C LYS A 108 -11.87 14.37 -6.54
N LEU A 109 -11.69 13.63 -7.64
CA LEU A 109 -12.05 12.20 -7.68
C LEU A 109 -11.01 11.25 -7.03
N GLU A 110 -9.89 11.82 -6.55
CA GLU A 110 -8.80 11.07 -5.89
C GLU A 110 -8.18 10.03 -6.83
N LEU A 111 -7.73 10.50 -7.98
CA LEU A 111 -7.05 9.66 -8.97
C LEU A 111 -5.86 10.42 -9.55
N PRO A 112 -4.86 9.69 -10.09
CA PRO A 112 -3.75 10.38 -10.75
C PRO A 112 -4.19 10.94 -12.10
N PRO A 113 -3.67 12.11 -12.51
CA PRO A 113 -4.02 12.71 -13.80
C PRO A 113 -3.43 11.94 -14.98
N ILE A 114 -4.09 10.83 -15.30
CA ILE A 114 -3.71 9.96 -16.41
C ILE A 114 -4.84 8.95 -16.58
N LEU A 115 -5.05 8.50 -17.81
CA LEU A 115 -6.09 7.53 -18.12
C LEU A 115 -5.82 6.22 -17.37
N VAL A 116 -6.79 5.77 -16.58
CA VAL A 116 -6.70 4.50 -15.86
C VAL A 116 -7.82 3.54 -16.30
N TYR A 117 -7.67 2.28 -15.90
CA TYR A 117 -8.67 1.23 -16.11
C TYR A 117 -10.10 1.69 -15.79
N ALA A 118 -10.25 2.36 -14.64
CA ALA A 118 -11.55 2.93 -14.24
C ALA A 118 -12.16 3.84 -15.31
N ASP A 119 -11.32 4.62 -15.99
CA ASP A 119 -11.80 5.51 -17.04
C ASP A 119 -12.13 4.71 -18.30
N CYS A 120 -11.10 4.12 -18.90
CA CYS A 120 -11.21 3.56 -20.24
C CYS A 120 -11.87 2.18 -20.33
N VAL A 121 -12.23 1.59 -19.19
CA VAL A 121 -12.99 0.33 -19.16
C VAL A 121 -14.27 0.50 -18.35
N LEU A 122 -14.13 0.83 -17.06
CA LEU A 122 -15.28 0.87 -16.14
C LEU A 122 -16.28 2.00 -16.41
N ALA A 123 -15.83 3.09 -17.05
CA ALA A 123 -16.72 4.20 -17.43
C ALA A 123 -16.91 4.37 -18.94
N ASN A 124 -16.14 3.64 -19.76
CA ASN A 124 -16.08 3.84 -21.21
C ASN A 124 -16.97 2.84 -21.95
N TRP A 125 -18.27 2.83 -21.61
CA TRP A 125 -19.20 1.89 -22.25
C TRP A 125 -20.66 2.34 -22.25
N LYS A 126 -21.45 1.77 -23.17
CA LYS A 126 -22.91 1.96 -23.20
C LYS A 126 -23.62 0.72 -23.76
N LYS A 127 -24.88 0.55 -23.36
CA LYS A 127 -25.77 -0.40 -24.03
C LYS A 127 -26.24 0.23 -25.35
N LYS A 128 -26.42 -0.62 -26.36
CA LYS A 128 -27.03 -0.18 -27.62
C LYS A 128 -28.53 -0.13 -27.46
N ASP A 129 -29.12 -1.27 -27.07
CA ASP A 129 -30.54 -1.42 -26.77
C ASP A 129 -30.66 -1.61 -25.25
N PRO A 130 -31.17 -0.58 -24.51
CA PRO A 130 -31.39 -0.70 -23.05
C PRO A 130 -32.31 -1.86 -22.61
N ASN A 131 -33.26 -2.27 -23.45
CA ASN A 131 -34.13 -3.42 -23.15
C ASN A 131 -33.42 -4.78 -23.22
N LYS A 132 -32.33 -4.87 -23.98
CA LYS A 132 -31.55 -6.11 -24.16
C LYS A 132 -30.40 -6.18 -23.14
N PRO A 133 -29.90 -7.40 -22.82
CA PRO A 133 -28.93 -7.56 -21.72
C PRO A 133 -27.47 -7.23 -22.07
N LEU A 134 -26.62 -7.29 -21.04
CA LEU A 134 -25.19 -6.95 -21.16
C LEU A 134 -24.38 -8.06 -21.83
N THR A 135 -24.31 -8.00 -23.15
CA THR A 135 -23.42 -8.84 -23.94
C THR A 135 -22.63 -7.95 -24.88
N TYR A 136 -21.49 -8.43 -25.38
CA TYR A 136 -20.67 -7.69 -26.35
C TYR A 136 -21.48 -7.12 -27.52
N GLU A 137 -22.43 -7.90 -28.01
CA GLU A 137 -23.21 -7.60 -29.22
C GLU A 137 -24.21 -6.45 -28.99
N ASN A 138 -24.67 -6.28 -27.75
CA ASN A 138 -25.53 -5.17 -27.35
C ASN A 138 -24.77 -4.01 -26.67
N MET A 139 -23.45 -3.96 -26.86
CA MET A 139 -22.61 -2.98 -26.17
C MET A 139 -21.63 -2.27 -27.11
N ASP A 140 -21.11 -1.15 -26.62
CA ASP A 140 -20.20 -0.31 -27.37
C ASP A 140 -19.40 0.59 -26.42
N VAL A 141 -18.17 0.93 -26.81
CA VAL A 141 -17.36 1.89 -26.07
C VAL A 141 -17.76 3.30 -26.48
N LEU A 142 -17.59 4.25 -25.55
CA LEU A 142 -17.87 5.66 -25.83
C LEU A 142 -16.75 6.27 -26.68
N PHE A 143 -15.51 5.95 -26.34
CA PHE A 143 -14.34 6.54 -26.98
C PHE A 143 -13.27 5.52 -27.41
N SER A 144 -12.62 5.86 -28.52
CA SER A 144 -11.52 5.10 -29.10
C SER A 144 -10.42 6.08 -29.49
N PHE A 145 -9.24 5.54 -29.82
CA PHE A 145 -8.07 6.37 -30.16
C PHE A 145 -7.90 6.47 -31.66
N ARG A 146 -7.76 5.33 -32.32
CA ARG A 146 -7.60 5.25 -33.77
C ARG A 146 -8.62 4.31 -34.38
N ASP A 147 -8.73 4.35 -35.71
CA ASP A 147 -9.59 3.41 -36.43
C ASP A 147 -8.86 2.08 -36.50
N GLY A 148 -9.58 0.99 -36.19
CA GLY A 148 -8.99 -0.35 -36.16
C GLY A 148 -7.99 -0.57 -35.05
N ASP A 149 -8.16 0.15 -33.93
CA ASP A 149 -7.31 -0.02 -32.73
C ASP A 149 -7.76 -1.17 -31.82
N CYS A 150 -8.92 -1.76 -32.10
CA CYS A 150 -9.54 -2.82 -31.27
C CYS A 150 -9.86 -2.39 -29.83
N SER A 151 -10.09 -1.10 -29.61
CA SER A 151 -10.46 -0.61 -28.28
C SER A 151 -11.81 -1.15 -27.82
N LYS A 152 -12.74 -1.38 -28.76
CA LYS A 152 -14.03 -1.99 -28.44
C LYS A 152 -13.82 -3.40 -27.89
N GLY A 153 -13.17 -4.26 -28.65
CA GLY A 153 -12.83 -5.61 -28.20
C GLY A 153 -12.06 -5.62 -26.90
N PHE A 154 -10.99 -4.83 -26.83
CA PHE A 154 -10.09 -4.82 -25.67
C PHE A 154 -10.83 -4.36 -24.42
N PHE A 155 -11.46 -3.19 -24.50
CA PHE A 155 -12.13 -2.60 -23.33
C PHE A 155 -13.39 -3.35 -22.91
N LEU A 156 -14.25 -3.71 -23.87
CA LEU A 156 -15.53 -4.39 -23.56
C LEU A 156 -15.36 -5.82 -23.05
N VAL A 157 -14.42 -6.57 -23.62
CA VAL A 157 -14.13 -7.92 -23.11
C VAL A 157 -13.54 -7.84 -21.69
N SER A 158 -12.68 -6.85 -21.44
CA SER A 158 -12.20 -6.58 -20.07
C SER A 158 -13.35 -6.23 -19.13
N LEU A 159 -14.29 -5.43 -19.62
CA LEU A 159 -15.47 -5.02 -18.85
C LEU A 159 -16.41 -6.19 -18.57
N LEU A 160 -16.61 -7.05 -19.57
CA LEU A 160 -17.46 -8.23 -19.40
C LEU A 160 -16.87 -9.22 -18.39
N VAL A 161 -15.54 -9.39 -18.41
CA VAL A 161 -14.83 -10.17 -17.40
C VAL A 161 -14.97 -9.53 -16.02
N GLU A 162 -14.87 -8.20 -15.96
CA GLU A 162 -15.10 -7.46 -14.71
C GLU A 162 -16.50 -7.73 -14.18
N ILE A 163 -17.50 -7.59 -15.06
CA ILE A 163 -18.91 -7.85 -14.72
C ILE A 163 -19.16 -9.32 -14.36
N ALA A 164 -18.47 -10.24 -15.02
CA ALA A 164 -18.63 -11.67 -14.74
C ALA A 164 -18.23 -11.97 -13.30
N ALA A 165 -17.06 -11.46 -12.92
CA ALA A 165 -16.54 -11.59 -11.56
C ALA A 165 -17.38 -10.88 -10.48
N ALA A 166 -18.19 -9.89 -10.88
CA ALA A 166 -19.14 -9.23 -9.97
C ALA A 166 -20.14 -10.17 -9.32
N SER A 167 -20.49 -11.25 -10.01
CA SER A 167 -21.37 -12.27 -9.44
C SER A 167 -20.81 -12.88 -8.15
N ALA A 168 -19.48 -13.04 -8.09
CA ALA A 168 -18.80 -13.49 -6.86
C ALA A 168 -18.75 -12.42 -5.77
N ILE A 169 -18.59 -11.15 -6.15
CA ILE A 169 -18.39 -10.07 -5.19
C ILE A 169 -19.53 -9.96 -4.16
N LYS A 170 -20.77 -10.05 -4.64
CA LYS A 170 -21.95 -10.07 -3.74
C LYS A 170 -22.03 -11.25 -2.76
N VAL A 171 -21.29 -12.33 -3.02
CA VAL A 171 -21.17 -13.48 -2.11
C VAL A 171 -20.24 -13.17 -0.92
N ILE A 172 -19.35 -12.19 -1.05
CA ILE A 172 -18.32 -11.90 -0.04
C ILE A 172 -18.87 -11.66 1.39
N PRO A 173 -19.92 -10.84 1.53
CA PRO A 173 -20.58 -10.78 2.84
C PRO A 173 -20.97 -12.14 3.42
N THR A 174 -21.48 -13.04 2.57
CA THR A 174 -21.85 -14.40 3.02
C THR A 174 -20.67 -15.17 3.59
N VAL A 175 -19.52 -15.04 2.92
CA VAL A 175 -18.28 -15.68 3.35
C VAL A 175 -17.86 -15.22 4.75
N PHE A 176 -17.86 -13.90 4.99
CA PHE A 176 -17.46 -13.36 6.29
C PHE A 176 -18.49 -13.57 7.40
N LYS A 177 -19.78 -13.52 7.06
CA LYS A 177 -20.85 -13.78 8.03
C LYS A 177 -20.83 -15.24 8.50
N ALA A 178 -20.67 -16.16 7.54
CA ALA A 178 -20.58 -17.59 7.82
C ALA A 178 -19.48 -17.95 8.83
N MET A 179 -18.32 -17.30 8.70
CA MET A 179 -17.18 -17.54 9.59
C MET A 179 -17.46 -17.07 11.02
N GLN A 180 -17.95 -15.85 11.18
CA GLN A 180 -18.28 -15.33 12.51
C GLN A 180 -19.44 -16.10 13.17
N MET A 181 -20.43 -16.52 12.38
N MET A 181 -20.43 -16.49 12.36
CA MET A 181 -21.54 -17.33 12.87
CA MET A 181 -21.56 -17.34 12.80
C MET A 181 -21.25 -18.85 12.83
C MET A 181 -21.22 -18.84 12.89
N GLN A 182 -20.04 -19.23 12.41
CA GLN A 182 -19.60 -20.64 12.35
C GLN A 182 -20.54 -21.56 11.53
N GLU A 183 -21.04 -21.02 10.42
CA GLU A 183 -21.94 -21.75 9.52
C GLU A 183 -21.13 -22.37 8.39
N ARG A 184 -20.57 -23.55 8.66
CA ARG A 184 -19.67 -24.26 7.74
C ARG A 184 -20.30 -24.56 6.37
N ASP A 185 -21.56 -25.01 6.37
CA ASP A 185 -22.25 -25.38 5.14
C ASP A 185 -22.47 -24.16 4.25
N THR A 186 -22.84 -23.03 4.86
CA THR A 186 -23.03 -21.76 4.15
C THR A 186 -21.71 -21.28 3.54
N LEU A 187 -20.63 -21.41 4.31
CA LEU A 187 -19.29 -21.06 3.83
C LEU A 187 -18.89 -21.91 2.62
N LEU A 188 -19.14 -23.21 2.72
CA LEU A 188 -18.84 -24.15 1.62
C LEU A 188 -19.62 -23.76 0.35
N LYS A 189 -20.92 -23.55 0.52
CA LYS A 189 -21.79 -23.11 -0.57
C LYS A 189 -21.30 -21.80 -1.17
N ALA A 190 -20.88 -20.88 -0.30
CA ALA A 190 -20.38 -19.56 -0.73
C ALA A 190 -19.12 -19.67 -1.57
N LEU A 191 -18.14 -20.44 -1.10
CA LEU A 191 -16.86 -20.61 -1.81
C LEU A 191 -17.07 -21.27 -3.18
N LEU A 192 -17.92 -22.30 -3.23
CA LEU A 192 -18.28 -22.93 -4.51
C LEU A 192 -18.90 -21.94 -5.50
N GLU A 193 -19.74 -21.04 -5.00
CA GLU A 193 -20.35 -20.00 -5.84
C GLU A 193 -19.30 -19.01 -6.38
N ILE A 194 -18.33 -18.64 -5.56
CA ILE A 194 -17.22 -17.80 -6.01
C ILE A 194 -16.45 -18.49 -7.14
N ALA A 195 -16.09 -19.76 -6.94
CA ALA A 195 -15.37 -20.53 -7.95
C ALA A 195 -16.17 -20.63 -9.26
N SER A 196 -17.47 -20.89 -9.15
CA SER A 196 -18.35 -20.95 -10.32
C SER A 196 -18.33 -19.64 -11.12
N CYS A 197 -18.37 -18.51 -10.41
CA CYS A 197 -18.31 -17.19 -11.06
C CYS A 197 -16.96 -16.92 -11.72
N LEU A 198 -15.88 -17.27 -11.04
CA LEU A 198 -14.53 -17.14 -11.59
C LEU A 198 -14.26 -18.09 -12.75
N GLU A 199 -14.90 -19.27 -12.72
CA GLU A 199 -14.87 -20.20 -13.85
C GLU A 199 -15.60 -19.59 -15.06
N LYS A 200 -16.79 -19.05 -14.82
CA LYS A 200 -17.58 -18.34 -15.85
C LYS A 200 -16.83 -17.14 -16.44
N ALA A 201 -16.16 -16.37 -15.60
CA ALA A 201 -15.40 -15.19 -16.04
C ALA A 201 -14.27 -15.55 -17.02
N LEU A 202 -13.62 -16.70 -16.81
CA LEU A 202 -12.62 -17.20 -17.76
C LEU A 202 -13.22 -17.46 -19.13
N GLN A 203 -14.40 -18.07 -19.18
CA GLN A 203 -15.11 -18.31 -20.44
C GLN A 203 -15.42 -17.01 -21.15
N VAL A 204 -15.84 -16.00 -20.38
CA VAL A 204 -16.10 -14.65 -20.89
C VAL A 204 -14.82 -14.02 -21.47
N PHE A 205 -13.68 -14.31 -20.84
CA PHE A 205 -12.35 -13.83 -21.28
C PHE A 205 -12.01 -14.30 -22.70
N HIS A 206 -12.48 -15.49 -23.09
CA HIS A 206 -12.19 -16.07 -24.43
C HIS A 206 -12.56 -15.17 -25.61
N GLN A 207 -13.58 -14.33 -25.45
CA GLN A 207 -14.02 -13.37 -26.47
C GLN A 207 -12.93 -12.41 -26.99
N ILE A 208 -11.88 -12.20 -26.20
CA ILE A 208 -10.74 -11.36 -26.58
C ILE A 208 -10.20 -11.72 -27.97
N HIS A 209 -10.12 -13.01 -28.26
CA HIS A 209 -9.62 -13.49 -29.55
C HIS A 209 -10.55 -13.16 -30.69
N ASP A 210 -11.86 -13.14 -30.43
CA ASP A 210 -12.87 -12.86 -31.45
C ASP A 210 -12.88 -11.40 -31.92
N HIS A 211 -12.49 -10.47 -31.03
CA HIS A 211 -12.67 -9.03 -31.27
C HIS A 211 -11.38 -8.18 -31.20
N VAL A 212 -10.21 -8.82 -31.10
CA VAL A 212 -8.93 -8.11 -31.01
C VAL A 212 -7.85 -8.81 -31.85
N ASN A 213 -7.20 -8.02 -32.71
CA ASN A 213 -6.09 -8.48 -33.56
C ASN A 213 -4.77 -8.22 -32.81
N PRO A 214 -3.81 -9.18 -32.88
CA PRO A 214 -2.51 -8.96 -32.23
C PRO A 214 -1.72 -7.76 -32.74
N LYS A 215 -1.54 -7.69 -34.07
CA LYS A 215 -0.76 -6.61 -34.70
C LYS A 215 -1.35 -5.22 -34.41
N ALA A 216 -2.68 -5.12 -34.46
CA ALA A 216 -3.39 -3.88 -34.15
C ALA A 216 -3.19 -3.43 -32.70
N PHE A 217 -3.33 -4.38 -31.76
CA PHE A 217 -3.18 -4.08 -30.34
C PHE A 217 -1.78 -3.60 -29.98
N PHE A 218 -0.78 -4.33 -30.45
CA PHE A 218 0.62 -4.03 -30.13
C PHE A 218 1.06 -2.70 -30.72
N SER A 219 0.78 -2.50 -32.00
CA SER A 219 1.27 -1.33 -32.74
C SER A 219 0.49 -0.04 -32.43
N VAL A 220 -0.82 -0.14 -32.23
CA VAL A 220 -1.70 1.02 -32.07
C VAL A 220 -2.10 1.23 -30.60
N LEU A 221 -2.96 0.37 -30.07
CA LEU A 221 -3.64 0.63 -28.80
C LEU A 221 -2.71 0.64 -27.60
N ARG A 222 -1.73 -0.28 -27.60
CA ARG A 222 -0.78 -0.39 -26.50
C ARG A 222 -0.08 0.94 -26.23
N ILE A 223 0.30 1.65 -27.29
CA ILE A 223 1.03 2.91 -27.20
C ILE A 223 0.20 3.99 -26.50
N TYR A 224 -1.10 4.06 -26.83
CA TYR A 224 -2.02 5.03 -26.22
C TYR A 224 -2.33 4.74 -24.75
N LEU A 225 -2.31 3.47 -24.36
CA LEU A 225 -2.47 3.06 -22.96
C LEU A 225 -1.21 3.25 -22.10
N SER A 226 -0.07 3.51 -22.74
CA SER A 226 1.21 3.66 -22.02
C SER A 226 1.26 4.95 -21.20
N GLY A 227 1.94 4.88 -20.07
CA GLY A 227 2.08 6.02 -19.15
C GLY A 227 3.48 6.60 -19.21
N TRP A 228 3.89 7.23 -18.11
CA TRP A 228 5.19 7.87 -18.02
C TRP A 228 5.81 7.70 -16.63
N LYS A 229 5.80 6.47 -16.12
CA LYS A 229 6.59 6.05 -14.96
C LYS A 229 7.59 5.01 -15.46
N GLY A 230 8.87 5.34 -15.38
CA GLY A 230 9.94 4.47 -15.89
C GLY A 230 9.95 4.26 -17.40
N ASN A 231 9.33 5.18 -18.14
CA ASN A 231 9.28 5.14 -19.61
C ASN A 231 10.43 6.02 -20.12
N PRO A 232 11.36 5.45 -20.90
CA PRO A 232 12.42 6.27 -21.53
C PRO A 232 11.93 7.43 -22.40
N GLN A 233 10.75 7.27 -23.01
CA GLN A 233 10.14 8.30 -23.87
C GLN A 233 9.82 9.61 -23.12
N LEU A 234 9.38 9.49 -21.87
CA LEU A 234 9.31 10.62 -20.93
C LEU A 234 10.07 10.22 -19.66
N SER A 235 11.40 10.37 -19.73
CA SER A 235 12.32 9.97 -18.67
C SER A 235 11.95 10.56 -17.30
N ASP A 236 11.74 11.88 -17.27
CA ASP A 236 11.46 12.61 -16.02
C ASP A 236 9.97 12.70 -15.68
N GLY A 237 9.10 12.16 -16.54
CA GLY A 237 7.66 12.28 -16.37
C GLY A 237 7.09 13.40 -17.24
N LEU A 238 5.78 13.59 -17.16
CA LEU A 238 5.06 14.62 -17.92
C LEU A 238 4.94 15.89 -17.09
N VAL A 239 4.94 17.04 -17.76
CA VAL A 239 4.74 18.34 -17.11
C VAL A 239 3.26 18.73 -17.20
N TYR A 240 2.62 18.88 -16.05
CA TYR A 240 1.27 19.43 -15.95
C TYR A 240 1.39 20.93 -15.72
N GLU A 241 1.46 21.67 -16.85
CA GLU A 241 1.71 23.11 -16.85
C GLU A 241 0.66 23.87 -16.03
N GLY A 242 1.13 24.83 -15.23
CA GLY A 242 0.26 25.62 -14.36
C GLY A 242 -0.36 24.88 -13.18
N PHE A 243 0.18 23.71 -12.83
CA PHE A 243 -0.31 22.91 -11.70
C PHE A 243 0.85 22.40 -10.83
N TRP A 244 1.81 21.74 -11.47
CA TRP A 244 3.11 21.41 -10.85
C TRP A 244 4.24 21.96 -11.72
N GLU A 245 5.24 22.56 -11.07
CA GLU A 245 6.38 23.16 -11.78
C GLU A 245 7.29 22.09 -12.40
N ASP A 246 7.59 21.04 -11.63
CA ASP A 246 8.40 19.91 -12.08
C ASP A 246 7.54 18.81 -12.71
N PRO A 247 8.10 18.02 -13.65
CA PRO A 247 7.33 16.93 -14.24
C PRO A 247 7.06 15.80 -13.23
N LYS A 248 5.97 15.07 -13.46
CA LYS A 248 5.51 14.03 -12.53
C LYS A 248 5.33 12.69 -13.24
N GLU A 249 5.76 11.62 -12.59
CA GLU A 249 5.63 10.26 -13.14
C GLU A 249 4.31 9.62 -12.71
N PHE A 250 3.61 9.02 -13.69
CA PHE A 250 2.36 8.29 -13.45
C PHE A 250 2.30 7.07 -14.38
N ALA A 251 1.96 5.92 -13.82
CA ALA A 251 1.91 4.65 -14.58
C ALA A 251 0.73 4.60 -15.55
N GLY A 252 0.93 3.89 -16.65
CA GLY A 252 -0.10 3.72 -17.68
C GLY A 252 -1.11 2.66 -17.30
N GLY A 253 -2.09 2.45 -18.20
CA GLY A 253 -3.20 1.53 -17.96
C GLY A 253 -2.72 0.10 -17.79
N SER A 254 -3.43 -0.63 -16.92
CA SER A 254 -3.01 -1.97 -16.52
C SER A 254 -4.19 -2.75 -15.93
N ALA A 255 -4.24 -4.05 -16.19
CA ALA A 255 -5.24 -4.93 -15.57
C ALA A 255 -5.06 -4.99 -14.04
N GLY A 256 -3.85 -4.72 -13.55
CA GLY A 256 -3.58 -4.54 -12.12
C GLY A 256 -4.35 -3.42 -11.43
N GLN A 257 -4.84 -2.44 -12.21
CA GLN A 257 -5.71 -1.39 -11.71
C GLN A 257 -7.16 -1.87 -11.49
N SER A 258 -7.53 -3.03 -12.05
CA SER A 258 -8.87 -3.60 -11.78
C SER A 258 -8.95 -4.06 -10.34
N SER A 259 -9.98 -3.64 -9.63
CA SER A 259 -10.18 -4.07 -8.25
C SER A 259 -10.51 -5.58 -8.15
N VAL A 260 -11.18 -6.12 -9.15
CA VAL A 260 -11.44 -7.57 -9.24
C VAL A 260 -10.14 -8.36 -9.35
N PHE A 261 -9.21 -7.86 -10.16
CA PHE A 261 -7.87 -8.44 -10.35
C PHE A 261 -7.14 -8.68 -9.01
N GLN A 262 -7.43 -7.88 -8.00
CA GLN A 262 -6.78 -8.00 -6.69
C GLN A 262 -7.66 -8.57 -5.57
N CYS A 263 -8.96 -8.28 -5.58
CA CYS A 263 -9.81 -8.50 -4.39
C CYS A 263 -9.96 -9.96 -3.95
N PHE A 264 -9.94 -10.88 -4.90
CA PHE A 264 -10.08 -12.30 -4.60
C PHE A 264 -8.81 -12.89 -4.00
N ASP A 265 -7.67 -12.35 -4.40
CA ASP A 265 -6.39 -12.70 -3.79
C ASP A 265 -6.37 -12.27 -2.33
N VAL A 266 -6.95 -11.09 -2.07
CA VAL A 266 -7.08 -10.55 -0.71
C VAL A 266 -8.06 -11.42 0.10
N LEU A 267 -9.25 -11.64 -0.47
CA LEU A 267 -10.28 -12.47 0.16
C LEU A 267 -9.78 -13.85 0.61
N LEU A 268 -8.99 -14.49 -0.26
CA LEU A 268 -8.52 -15.85 -0.03
C LEU A 268 -7.17 -15.91 0.70
N GLY A 269 -6.69 -14.78 1.21
CA GLY A 269 -5.44 -14.75 1.97
C GLY A 269 -4.20 -15.05 1.16
N ILE A 270 -4.27 -14.80 -0.15
CA ILE A 270 -3.11 -14.94 -1.05
C ILE A 270 -2.37 -13.61 -0.96
N GLN A 271 -1.18 -13.65 -0.37
CA GLN A 271 -0.47 -12.43 0.00
C GLN A 271 0.34 -11.95 -1.20
N GLN A 272 -0.35 -11.46 -2.23
CA GLN A 272 0.29 -10.97 -3.46
C GLN A 272 1.12 -9.71 -3.19
N THR A 273 0.60 -8.84 -2.32
CA THR A 273 1.30 -7.63 -1.88
C THR A 273 2.40 -7.85 -0.82
N ALA A 274 2.62 -9.11 -0.41
CA ALA A 274 3.76 -9.49 0.45
C ALA A 274 4.96 -9.94 -0.39
N GLY A 275 6.15 -9.89 0.21
CA GLY A 275 7.40 -10.36 -0.42
C GLY A 275 8.51 -9.33 -0.50
N GLY A 276 8.14 -8.06 -0.64
CA GLY A 276 9.09 -6.96 -0.82
C GLY A 276 9.60 -6.79 -2.24
N GLY A 277 9.03 -7.54 -3.20
CA GLY A 277 9.49 -7.55 -4.59
C GLY A 277 8.69 -6.60 -5.47
N HIS A 278 9.14 -6.48 -6.72
CA HIS A 278 8.55 -5.59 -7.73
C HIS A 278 7.05 -5.82 -7.98
N ALA A 279 6.63 -7.09 -7.99
CA ALA A 279 5.22 -7.44 -8.22
C ALA A 279 4.31 -6.95 -7.11
N ALA A 280 4.68 -7.29 -5.87
CA ALA A 280 3.97 -6.84 -4.66
C ALA A 280 3.92 -5.31 -4.57
N GLN A 281 5.04 -4.67 -4.91
CA GLN A 281 5.16 -3.21 -4.97
C GLN A 281 4.20 -2.63 -6.00
N PHE A 282 4.11 -3.26 -7.17
CA PHE A 282 3.24 -2.80 -8.26
C PHE A 282 1.77 -2.84 -7.87
N LEU A 283 1.31 -4.01 -7.43
CA LEU A 283 -0.09 -4.21 -7.04
C LEU A 283 -0.54 -3.22 -5.97
N GLN A 284 0.34 -2.96 -5.00
CA GLN A 284 0.05 -1.96 -3.96
C GLN A 284 -0.05 -0.56 -4.54
N ASP A 285 0.93 -0.18 -5.38
CA ASP A 285 0.95 1.15 -6.02
C ASP A 285 -0.30 1.42 -6.87
N MET A 286 -0.78 0.38 -7.57
CA MET A 286 -1.97 0.51 -8.43
C MET A 286 -3.30 0.67 -7.67
N ARG A 287 -3.32 0.48 -6.35
CA ARG A 287 -4.51 0.78 -5.55
C ARG A 287 -4.81 2.29 -5.52
N ARG A 288 -3.77 3.11 -5.65
CA ARG A 288 -3.93 4.57 -5.82
C ARG A 288 -4.56 4.97 -7.17
N TYR A 289 -4.53 4.06 -8.14
CA TYR A 289 -5.09 4.29 -9.48
C TYR A 289 -6.54 3.77 -9.58
N MET A 290 -7.02 3.12 -8.53
CA MET A 290 -8.42 2.74 -8.39
C MET A 290 -9.20 3.90 -7.79
N PRO A 291 -10.52 3.97 -8.06
CA PRO A 291 -11.36 4.94 -7.33
C PRO A 291 -11.29 4.75 -5.82
N PRO A 292 -11.40 5.84 -5.04
CA PRO A 292 -11.18 5.76 -3.59
C PRO A 292 -12.04 4.69 -2.88
N ALA A 293 -13.33 4.66 -3.21
CA ALA A 293 -14.27 3.69 -2.63
C ALA A 293 -13.88 2.23 -2.86
N HIS A 294 -13.22 1.96 -3.99
CA HIS A 294 -12.76 0.60 -4.31
C HIS A 294 -11.48 0.23 -3.58
N ARG A 295 -10.53 1.14 -3.50
CA ARG A 295 -9.29 0.87 -2.74
C ARG A 295 -9.58 0.76 -1.22
N ASN A 296 -10.61 1.46 -0.75
CA ASN A 296 -11.16 1.27 0.59
C ASN A 296 -11.80 -0.11 0.80
N PHE A 297 -12.41 -0.64 -0.26
CA PHE A 297 -13.03 -1.98 -0.20
C PHE A 297 -11.97 -3.07 -0.06
N LEU A 298 -10.89 -2.98 -0.84
CA LEU A 298 -9.74 -3.88 -0.71
C LEU A 298 -9.13 -3.81 0.68
N CYS A 299 -9.14 -2.62 1.27
CA CYS A 299 -8.63 -2.40 2.61
C CYS A 299 -9.50 -3.12 3.67
N SER A 300 -10.82 -3.02 3.54
CA SER A 300 -11.74 -3.66 4.50
C SER A 300 -11.77 -5.18 4.37
N LEU A 301 -11.47 -5.71 3.19
CA LEU A 301 -11.25 -7.15 3.03
C LEU A 301 -10.05 -7.63 3.83
N GLU A 302 -8.93 -6.91 3.70
CA GLU A 302 -7.71 -7.18 4.48
C GLU A 302 -7.94 -7.10 5.99
N SER A 303 -8.79 -6.17 6.42
CA SER A 303 -9.08 -5.98 7.84
C SER A 303 -9.96 -7.07 8.44
N ASN A 304 -10.76 -7.74 7.62
CA ASN A 304 -11.58 -8.86 8.08
C ASN A 304 -10.72 -10.12 8.32
N PRO A 305 -11.20 -11.05 9.17
CA PRO A 305 -10.42 -12.27 9.43
C PRO A 305 -10.12 -13.11 8.19
N SER A 306 -9.06 -13.89 8.25
CA SER A 306 -8.59 -14.68 7.11
C SER A 306 -9.50 -15.88 6.83
N VAL A 307 -9.97 -15.99 5.59
CA VAL A 307 -10.75 -17.15 5.15
C VAL A 307 -9.85 -18.39 5.09
N ARG A 308 -8.59 -18.20 4.69
CA ARG A 308 -7.62 -19.30 4.56
C ARG A 308 -7.34 -19.96 5.92
N GLU A 309 -7.07 -19.14 6.92
CA GLU A 309 -6.81 -19.63 8.28
C GLU A 309 -8.03 -20.36 8.86
N PHE A 310 -9.22 -19.83 8.62
CA PHE A 310 -10.47 -20.45 9.04
C PHE A 310 -10.64 -21.84 8.44
N VAL A 311 -10.48 -21.96 7.13
CA VAL A 311 -10.54 -23.26 6.44
C VAL A 311 -9.50 -24.23 7.02
N LEU A 312 -8.25 -23.79 7.10
CA LEU A 312 -7.15 -24.61 7.67
C LEU A 312 -7.37 -25.02 9.12
N SER A 313 -8.00 -24.15 9.91
CA SER A 313 -8.24 -24.43 11.32
C SER A 313 -9.28 -25.55 11.58
N LYS A 314 -10.11 -25.87 10.58
CA LYS A 314 -11.28 -26.73 10.79
C LYS A 314 -11.06 -28.22 10.51
N GLY A 315 -9.97 -28.59 9.82
CA GLY A 315 -9.68 -29.99 9.50
C GLY A 315 -10.75 -30.58 8.60
N ASP A 316 -11.13 -29.82 7.59
CA ASP A 316 -12.32 -30.09 6.78
C ASP A 316 -11.95 -30.17 5.29
N ALA A 317 -12.11 -31.35 4.70
CA ALA A 317 -11.72 -31.60 3.30
C ALA A 317 -12.61 -30.87 2.29
N GLY A 318 -13.92 -30.88 2.53
CA GLY A 318 -14.88 -30.17 1.69
C GLY A 318 -14.65 -28.67 1.62
N LEU A 319 -14.37 -28.07 2.76
CA LEU A 319 -14.02 -26.64 2.82
C LEU A 319 -12.72 -26.37 2.06
N ARG A 320 -11.73 -27.22 2.27
CA ARG A 320 -10.47 -27.13 1.53
C ARG A 320 -10.66 -27.32 0.02
N GLU A 321 -11.49 -28.29 -0.37
CA GLU A 321 -11.81 -28.53 -1.79
C GLU A 321 -12.48 -27.30 -2.41
N ALA A 322 -13.40 -26.68 -1.66
CA ALA A 322 -14.09 -25.48 -2.10
C ALA A 322 -13.15 -24.28 -2.17
N TYR A 323 -12.30 -24.13 -1.16
CA TYR A 323 -11.27 -23.09 -1.17
C TYR A 323 -10.34 -23.25 -2.38
N ASP A 324 -9.90 -24.49 -2.62
CA ASP A 324 -9.03 -24.79 -3.76
C ASP A 324 -9.71 -24.54 -5.12
N ALA A 325 -11.03 -24.71 -5.18
CA ALA A 325 -11.78 -24.38 -6.41
C ALA A 325 -11.63 -22.90 -6.77
N CYS A 326 -11.66 -22.03 -5.76
CA CYS A 326 -11.43 -20.60 -5.97
C CYS A 326 -9.99 -20.30 -6.40
N VAL A 327 -9.04 -20.91 -5.70
CA VAL A 327 -7.61 -20.77 -6.04
C VAL A 327 -7.35 -21.27 -7.47
N LYS A 328 -7.87 -22.46 -7.80
CA LYS A 328 -7.74 -23.06 -9.15
C LYS A 328 -8.27 -22.15 -10.25
N ALA A 329 -9.41 -21.50 -9.99
CA ALA A 329 -10.03 -20.61 -10.96
C ALA A 329 -9.16 -19.38 -11.22
N LEU A 330 -8.57 -18.83 -10.16
CA LEU A 330 -7.65 -17.71 -10.29
C LEU A 330 -6.40 -18.08 -11.06
N VAL A 331 -5.86 -19.27 -10.80
CA VAL A 331 -4.67 -19.76 -11.52
C VAL A 331 -4.98 -19.81 -13.02
N SER A 332 -6.17 -20.29 -13.36
CA SER A 332 -6.61 -20.37 -14.75
C SER A 332 -6.74 -18.98 -15.39
N LEU A 333 -7.22 -18.00 -14.63
CA LEU A 333 -7.29 -16.62 -15.11
C LEU A 333 -5.91 -16.00 -15.35
N ARG A 334 -4.94 -16.28 -14.47
CA ARG A 334 -3.55 -15.81 -14.67
C ARG A 334 -2.89 -16.48 -15.87
N SER A 335 -3.06 -17.79 -15.98
CA SER A 335 -2.51 -18.56 -17.10
C SER A 335 -3.08 -18.04 -18.42
N TYR A 336 -4.38 -17.75 -18.44
CA TYR A 336 -5.02 -17.25 -19.66
C TYR A 336 -4.55 -15.85 -20.02
N HIS A 337 -4.41 -14.98 -19.01
CA HIS A 337 -3.81 -13.65 -19.20
C HIS A 337 -2.41 -13.77 -19.78
N LEU A 338 -1.63 -14.73 -19.29
CA LEU A 338 -0.28 -14.99 -19.82
C LEU A 338 -0.32 -15.42 -21.30
N GLN A 339 -1.30 -16.24 -21.67
CA GLN A 339 -1.50 -16.64 -23.07
C GLN A 339 -1.86 -15.44 -23.95
N ILE A 340 -2.62 -14.50 -23.38
CA ILE A 340 -2.97 -13.27 -24.08
C ILE A 340 -1.72 -12.41 -24.30
N VAL A 341 -0.94 -12.19 -23.25
CA VAL A 341 0.30 -11.41 -23.39
C VAL A 341 1.26 -12.03 -24.43
N THR A 342 1.32 -13.36 -24.46
CA THR A 342 2.15 -14.06 -25.45
C THR A 342 1.69 -13.76 -26.87
N LYS A 343 0.39 -13.95 -27.12
CA LYS A 343 -0.18 -13.75 -28.44
C LYS A 343 -0.19 -12.28 -28.85
N TYR A 344 -0.54 -11.40 -27.92
CA TYR A 344 -0.79 -9.99 -28.24
C TYR A 344 0.41 -9.03 -28.05
N ILE A 345 1.45 -9.44 -27.31
CA ILE A 345 2.62 -8.58 -27.06
C ILE A 345 3.96 -9.25 -27.43
N LEU A 346 4.23 -10.46 -26.92
CA LEU A 346 5.51 -11.12 -27.19
C LEU A 346 5.74 -11.40 -28.68
N ILE A 347 4.77 -12.03 -29.34
CA ILE A 347 4.93 -12.45 -30.73
C ILE A 347 4.94 -11.26 -31.72
N PRO A 348 4.00 -10.31 -31.58
CA PRO A 348 4.07 -9.09 -32.38
C PRO A 348 5.35 -8.27 -32.16
N ALA A 349 5.90 -8.29 -30.95
CA ALA A 349 7.20 -7.65 -30.67
C ALA A 349 8.37 -8.33 -31.38
N SER A 350 8.28 -9.65 -31.53
CA SER A 350 9.31 -10.41 -32.27
C SER A 350 9.27 -10.14 -33.78
N GLN A 351 8.05 -9.99 -34.31
CA GLN A 351 7.84 -9.62 -35.73
C GLN A 351 8.19 -8.15 -36.06
N GLN A 352 8.39 -7.32 -35.03
CA GLN A 352 8.86 -5.94 -35.18
C GLN A 352 10.31 -5.93 -35.69
N PRO A 353 10.64 -5.07 -36.68
CA PRO A 353 11.97 -5.13 -37.31
C PRO A 353 13.08 -4.49 -36.47
N GLY A 372 6.59 -6.31 -22.79
CA GLY A 372 6.40 -7.76 -22.97
C GLY A 372 6.84 -8.58 -21.77
N THR A 373 8.15 -8.69 -21.60
CA THR A 373 8.78 -9.61 -20.62
C THR A 373 8.50 -9.25 -19.16
N ASP A 374 8.56 -7.96 -18.83
CA ASP A 374 8.29 -7.51 -17.44
C ASP A 374 6.87 -7.82 -17.00
N LEU A 375 5.93 -7.72 -17.94
CA LEU A 375 4.54 -8.12 -17.68
C LEU A 375 4.39 -9.64 -17.55
N MET A 376 5.11 -10.41 -18.38
CA MET A 376 5.12 -11.89 -18.26
C MET A 376 5.65 -12.34 -16.91
N ASN A 377 6.80 -11.79 -16.51
CA ASN A 377 7.43 -12.10 -15.23
C ASN A 377 6.58 -11.67 -14.05
N PHE A 378 6.02 -10.46 -14.15
CA PHE A 378 5.03 -9.98 -13.19
C PHE A 378 3.90 -10.99 -13.01
N LEU A 379 3.21 -11.31 -14.10
CA LEU A 379 2.07 -12.25 -14.08
C LEU A 379 2.46 -13.69 -13.66
N LYS A 380 3.66 -14.11 -14.02
CA LYS A 380 4.17 -15.43 -13.59
C LYS A 380 4.37 -15.50 -12.06
N THR A 381 4.85 -14.40 -11.47
CA THR A 381 4.95 -14.27 -10.01
C THR A 381 3.55 -14.33 -9.40
N VAL A 382 2.62 -13.56 -9.96
CA VAL A 382 1.25 -13.52 -9.47
C VAL A 382 0.62 -14.91 -9.51
N ARG A 383 0.79 -15.61 -10.62
CA ARG A 383 0.32 -17.00 -10.75
C ARG A 383 1.03 -17.95 -9.81
N SER A 384 2.35 -17.79 -9.66
CA SER A 384 3.13 -18.66 -8.79
C SER A 384 2.67 -18.53 -7.34
N THR A 385 2.43 -17.30 -6.89
CA THR A 385 1.91 -17.03 -5.54
C THR A 385 0.53 -17.66 -5.37
N THR A 386 -0.31 -17.57 -6.41
CA THR A 386 -1.63 -18.23 -6.43
C THR A 386 -1.53 -19.76 -6.35
N GLU A 387 -0.65 -20.37 -7.16
CA GLU A 387 -0.44 -21.83 -7.15
C GLU A 387 0.01 -22.34 -5.78
N LYS A 388 1.03 -21.70 -5.22
CA LYS A 388 1.55 -22.02 -3.89
C LYS A 388 0.53 -21.84 -2.73
N SER A 389 -0.58 -21.15 -2.97
CA SER A 389 -1.68 -21.03 -1.98
C SER A 389 -2.69 -22.18 -1.98
N LEU A 390 -2.55 -23.14 -2.89
CA LEU A 390 -3.35 -24.37 -2.85
C LEU A 390 -3.09 -25.15 -1.55
N LEU A 391 -4.09 -25.91 -1.10
CA LEU A 391 -4.04 -26.61 0.19
C LEU A 391 -3.73 -28.11 0.08
N LYS A 392 -4.25 -28.77 -0.96
CA LYS A 392 -4.00 -30.21 -1.16
C LYS A 392 -2.69 -30.43 -1.91
N MET B 1 -14.30 2.88 21.73
CA MET B 1 -13.56 1.58 21.75
C MET B 1 -13.05 1.22 20.35
N ILE B 2 -11.73 1.14 20.19
CA ILE B 2 -11.11 0.62 18.96
C ILE B 2 -11.31 -0.91 18.96
N SER B 3 -11.49 -1.48 17.77
CA SER B 3 -11.78 -2.91 17.63
C SER B 3 -10.61 -3.79 18.08
N LYS B 4 -10.93 -5.02 18.46
CA LYS B 4 -9.93 -6.03 18.82
C LYS B 4 -9.12 -6.48 17.61
N GLU B 5 -9.75 -6.46 16.44
CA GLU B 5 -9.11 -6.89 15.18
C GLU B 5 -7.92 -6.02 14.72
N TYR B 6 -7.89 -4.76 15.16
CA TYR B 6 -6.76 -3.85 14.86
C TYR B 6 -5.57 -3.95 15.86
N HIS B 7 -5.78 -4.61 17.01
CA HIS B 7 -4.73 -4.85 18.01
C HIS B 7 -4.02 -3.56 18.47
N ILE B 8 -4.82 -2.69 19.07
CA ILE B 8 -4.35 -1.43 19.63
C ILE B 8 -4.77 -1.44 21.11
N ASP B 9 -3.78 -1.40 22.01
CA ASP B 9 -4.06 -1.47 23.45
C ASP B 9 -4.59 -0.13 23.97
N GLU B 10 -5.45 -0.19 24.98
CA GLU B 10 -5.96 1.01 25.65
C GLU B 10 -4.81 1.79 26.31
N GLU B 11 -3.91 1.07 26.97
CA GLU B 11 -2.79 1.70 27.67
C GLU B 11 -1.62 2.00 26.72
N VAL B 12 -1.06 0.95 26.09
CA VAL B 12 0.18 1.07 25.30
C VAL B 12 0.01 1.30 23.78
N GLY B 13 -1.24 1.41 23.31
CA GLY B 13 -1.51 1.73 21.90
C GLY B 13 -1.04 0.64 20.95
N PHE B 14 -0.21 1.02 19.98
CA PHE B 14 0.33 0.09 18.99
C PHE B 14 1.39 -0.87 19.54
N ALA B 15 1.97 -0.55 20.69
CA ALA B 15 2.93 -1.46 21.33
C ALA B 15 2.28 -2.76 21.79
N LEU B 16 3.09 -3.81 21.88
CA LEU B 16 2.64 -5.13 22.35
C LEU B 16 2.55 -5.06 23.88
N PRO B 17 1.34 -5.18 24.45
CA PRO B 17 1.22 -5.03 25.91
C PRO B 17 1.80 -6.23 26.66
N ASN B 18 2.74 -5.95 27.57
N ASN B 18 2.75 -5.96 27.57
CA ASN B 18 3.45 -6.97 28.36
CA ASN B 18 3.44 -6.99 28.35
C ASN B 18 4.06 -8.10 27.49
C ASN B 18 4.04 -8.10 27.48
N PRO B 19 5.13 -7.78 26.73
CA PRO B 19 5.78 -8.77 25.88
C PRO B 19 6.42 -9.93 26.64
N GLN B 20 6.54 -11.06 25.97
CA GLN B 20 7.13 -12.26 26.54
C GLN B 20 8.65 -12.06 26.63
N GLU B 21 9.24 -12.55 27.72
CA GLU B 21 10.68 -12.40 27.97
C GLU B 21 11.46 -13.62 27.50
N ASN B 22 10.98 -14.81 27.87
CA ASN B 22 11.65 -16.07 27.53
C ASN B 22 10.80 -16.92 26.57
N LEU B 23 11.47 -17.51 25.57
CA LEU B 23 10.87 -18.53 24.71
C LEU B 23 10.80 -19.87 25.46
N PRO B 24 10.07 -20.86 24.92
CA PRO B 24 10.16 -22.22 25.47
C PRO B 24 11.59 -22.79 25.49
N ASP B 25 11.83 -23.71 26.42
CA ASP B 25 13.14 -24.37 26.58
C ASP B 25 13.72 -24.94 25.29
N PHE B 26 12.85 -25.37 24.38
CA PHE B 26 13.25 -25.84 23.04
C PHE B 26 14.14 -24.84 22.29
N TYR B 27 13.91 -23.55 22.50
CA TYR B 27 14.69 -22.48 21.83
C TYR B 27 15.72 -21.81 22.75
N ASN B 28 16.42 -22.60 23.57
CA ASN B 28 17.48 -22.05 24.44
C ASN B 28 18.68 -21.54 23.66
N ASP B 29 19.07 -22.24 22.60
CA ASP B 29 20.24 -21.86 21.80
C ASP B 29 20.05 -20.54 21.04
N TRP B 30 18.81 -20.22 20.67
CA TRP B 30 18.46 -18.90 20.13
C TRP B 30 18.63 -17.84 21.19
N MET B 31 18.02 -18.09 22.36
CA MET B 31 18.02 -17.14 23.47
C MET B 31 19.41 -16.78 23.95
N PHE B 32 20.27 -17.79 24.09
CA PHE B 32 21.66 -17.56 24.54
C PHE B 32 22.38 -16.53 23.66
N ILE B 33 22.28 -16.72 22.34
CA ILE B 33 22.97 -15.85 21.40
C ILE B 33 22.40 -14.44 21.48
N ALA B 34 21.06 -14.34 21.50
CA ALA B 34 20.38 -13.03 21.57
C ALA B 34 20.65 -12.32 22.90
N LYS B 35 20.64 -13.08 24.00
CA LYS B 35 21.00 -12.54 25.31
C LYS B 35 22.45 -12.05 25.41
N HIS B 36 23.37 -12.60 24.60
CA HIS B 36 24.81 -12.30 24.74
C HIS B 36 25.46 -11.81 23.45
N LEU B 37 24.73 -10.95 22.72
CA LEU B 37 25.27 -10.38 21.49
C LEU B 37 26.50 -9.50 21.72
N PRO B 38 26.45 -8.59 22.72
CA PRO B 38 27.66 -7.80 23.03
C PRO B 38 28.88 -8.67 23.32
N ASP B 39 28.66 -9.74 24.07
CA ASP B 39 29.75 -10.61 24.52
C ASP B 39 30.27 -11.50 23.41
N LEU B 40 29.35 -12.00 22.58
CA LEU B 40 29.73 -12.85 21.45
C LEU B 40 30.34 -12.07 20.29
N ILE B 41 29.83 -10.87 20.02
CA ILE B 41 30.42 -9.98 18.99
C ILE B 41 31.84 -9.57 19.39
N GLU B 42 32.01 -9.17 20.64
CA GLU B 42 33.28 -8.68 21.16
C GLU B 42 34.39 -9.72 21.17
N SER B 43 34.03 -10.99 21.43
CA SER B 43 34.99 -12.10 21.41
C SER B 43 35.18 -12.74 20.01
N GLY B 44 34.65 -12.10 18.96
CA GLY B 44 34.78 -12.59 17.59
C GLY B 44 34.16 -13.96 17.38
N GLN B 45 33.12 -14.26 18.14
CA GLN B 45 32.58 -15.60 18.27
C GLN B 45 31.08 -15.70 18.00
N LEU B 46 30.47 -14.62 17.51
CA LEU B 46 29.03 -14.58 17.23
C LEU B 46 28.70 -15.47 16.05
N ARG B 47 29.42 -15.27 14.94
CA ARG B 47 29.14 -15.98 13.69
C ARG B 47 29.29 -17.49 13.79
N GLU B 48 30.28 -17.94 14.57
CA GLU B 48 30.48 -19.35 14.86
C GLU B 48 29.26 -19.96 15.56
N ARG B 49 28.80 -19.31 16.62
CA ARG B 49 27.68 -19.80 17.42
C ARG B 49 26.39 -19.91 16.61
N VAL B 50 26.15 -18.94 15.73
CA VAL B 50 25.00 -18.97 14.82
C VAL B 50 25.17 -20.10 13.80
N GLU B 51 26.38 -20.25 13.27
CA GLU B 51 26.69 -21.30 12.29
C GLU B 51 26.57 -22.73 12.82
N LYS B 52 26.88 -22.94 14.10
CA LYS B 52 26.75 -24.27 14.72
C LYS B 52 25.34 -24.61 15.25
N LEU B 53 24.38 -23.69 15.07
CA LEU B 53 22.97 -23.98 15.37
C LEU B 53 22.38 -25.01 14.41
N ASN B 54 21.46 -25.81 14.94
CA ASN B 54 20.60 -26.65 14.11
C ASN B 54 19.39 -25.84 13.68
N MET B 55 18.66 -26.37 12.69
CA MET B 55 17.44 -25.74 12.22
C MET B 55 16.26 -26.16 13.11
N LEU B 56 15.87 -25.26 14.01
CA LEU B 56 14.73 -25.51 14.92
C LEU B 56 13.41 -25.12 14.26
N SER B 57 12.39 -25.95 14.45
CA SER B 57 11.05 -25.71 13.91
C SER B 57 10.38 -24.58 14.67
N ILE B 58 9.53 -23.81 13.99
CA ILE B 58 8.76 -22.72 14.62
C ILE B 58 7.43 -23.17 15.24
N ASP B 59 7.11 -24.46 15.10
CA ASP B 59 5.80 -25.00 15.53
C ASP B 59 5.51 -24.85 17.03
N HIS B 60 6.57 -24.91 17.85
CA HIS B 60 6.42 -24.79 19.31
C HIS B 60 6.24 -23.34 19.79
N LEU B 61 6.33 -22.37 18.89
CA LEU B 61 5.94 -20.98 19.17
C LEU B 61 4.41 -20.86 18.98
N THR B 62 3.67 -21.15 20.05
CA THR B 62 2.22 -21.34 19.96
C THR B 62 1.46 -20.02 19.82
N ASP B 63 1.56 -19.16 20.84
CA ASP B 63 0.80 -17.90 20.89
C ASP B 63 1.52 -16.73 20.21
N HIS B 64 0.81 -15.60 20.06
CA HIS B 64 1.32 -14.43 19.35
C HIS B 64 2.53 -13.79 20.01
N LYS B 65 2.50 -13.66 21.33
CA LYS B 65 3.60 -13.02 22.08
C LYS B 65 4.91 -13.79 21.98
N SER B 66 4.86 -15.12 21.92
CA SER B 66 6.06 -15.95 21.72
C SER B 66 6.59 -15.85 20.29
N GLN B 67 5.69 -15.77 19.32
CA GLN B 67 6.10 -15.57 17.92
C GLN B 67 6.81 -14.23 17.72
N ARG B 68 6.32 -13.19 18.41
CA ARG B 68 6.94 -11.87 18.34
C ARG B 68 8.28 -11.84 19.06
N LEU B 69 8.38 -12.52 20.19
CA LEU B 69 9.65 -12.66 20.89
C LEU B 69 10.68 -13.33 20.00
N ALA B 70 10.29 -14.43 19.37
CA ALA B 70 11.17 -15.16 18.47
C ALA B 70 11.61 -14.33 17.27
N ARG B 71 10.71 -13.48 16.76
CA ARG B 71 11.05 -12.53 15.68
C ARG B 71 12.09 -11.51 16.11
N LEU B 72 11.97 -11.03 17.34
CA LEU B 72 12.94 -10.12 17.94
C LEU B 72 14.30 -10.81 18.12
N VAL B 73 14.28 -12.03 18.66
CA VAL B 73 15.50 -12.83 18.90
C VAL B 73 16.25 -13.09 17.59
N LEU B 74 15.56 -13.66 16.61
CA LEU B 74 16.18 -13.96 15.32
C LEU B 74 16.56 -12.70 14.55
N GLY B 75 15.73 -11.66 14.67
CA GLY B 75 16.01 -10.37 14.06
C GLY B 75 17.30 -9.77 14.58
N CYS B 76 17.44 -9.75 15.90
CA CYS B 76 18.65 -9.22 16.53
C CYS B 76 19.90 -10.03 16.19
N ILE B 77 19.77 -11.35 16.20
CA ILE B 77 20.85 -12.24 15.78
C ILE B 77 21.24 -11.99 14.31
N THR B 78 20.24 -11.79 13.45
CA THR B 78 20.48 -11.54 12.02
C THR B 78 21.33 -10.29 11.79
N MET B 79 20.97 -9.18 12.45
CA MET B 79 21.72 -7.93 12.34
C MET B 79 23.16 -8.10 12.82
N ALA B 80 23.30 -8.70 14.00
CA ALA B 80 24.62 -9.04 14.55
C ALA B 80 25.44 -9.94 13.61
N TYR B 81 24.78 -10.93 13.01
CA TYR B 81 25.46 -11.84 12.07
C TYR B 81 25.89 -11.14 10.79
N VAL B 82 24.99 -10.35 10.20
CA VAL B 82 25.30 -9.62 8.96
C VAL B 82 26.39 -8.56 9.19
N TRP B 83 26.26 -7.77 10.25
CA TRP B 83 27.15 -6.61 10.48
C TRP B 83 28.42 -6.92 11.28
N GLY B 84 28.33 -7.86 12.23
CA GLY B 84 29.50 -8.31 12.99
C GLY B 84 29.94 -7.25 13.99
N LYS B 85 31.24 -6.96 14.01
CA LYS B 85 31.79 -5.89 14.87
C LYS B 85 31.53 -4.48 14.32
N GLY B 86 30.95 -4.38 13.12
CA GLY B 86 30.48 -3.11 12.55
C GLY B 86 31.59 -2.28 11.95
N HIS B 87 32.57 -2.95 11.34
CA HIS B 87 33.76 -2.31 10.79
C HIS B 87 34.06 -2.73 9.34
N GLY B 88 33.04 -3.22 8.63
CA GLY B 88 33.18 -3.62 7.23
C GLY B 88 33.33 -5.10 6.94
N ASP B 89 33.64 -5.91 7.96
CA ASP B 89 33.63 -7.37 7.82
C ASP B 89 32.17 -7.82 7.88
N VAL B 90 31.59 -8.12 6.72
CA VAL B 90 30.14 -8.31 6.54
C VAL B 90 29.84 -9.71 6.01
N ARG B 91 28.67 -10.25 6.37
CA ARG B 91 28.16 -11.51 5.81
C ARG B 91 27.04 -11.24 4.81
N LYS B 92 27.25 -11.66 3.56
CA LYS B 92 26.23 -11.53 2.50
C LYS B 92 25.24 -12.69 2.46
N VAL B 93 25.44 -13.71 3.31
CA VAL B 93 24.60 -14.91 3.32
C VAL B 93 24.19 -15.26 4.75
N LEU B 94 22.88 -15.28 5.00
CA LEU B 94 22.33 -15.73 6.28
C LEU B 94 22.15 -17.25 6.22
N PRO B 95 22.82 -18.02 7.11
CA PRO B 95 22.73 -19.49 7.12
C PRO B 95 21.31 -20.05 7.25
N ARG B 96 21.02 -21.11 6.49
CA ARG B 96 19.69 -21.74 6.49
C ARG B 96 19.16 -22.11 7.89
N ASN B 97 20.06 -22.54 8.78
CA ASN B 97 19.69 -22.94 10.15
C ASN B 97 18.99 -21.83 10.95
N ILE B 98 19.30 -20.58 10.60
CA ILE B 98 18.59 -19.40 11.13
C ILE B 98 17.68 -18.74 10.07
N ALA B 99 18.12 -18.70 8.81
CA ALA B 99 17.36 -18.03 7.73
C ALA B 99 15.99 -18.63 7.44
N VAL B 100 15.88 -19.96 7.51
CA VAL B 100 14.62 -20.67 7.27
C VAL B 100 13.57 -20.35 8.36
N PRO B 101 13.85 -20.70 9.63
CA PRO B 101 12.83 -20.43 10.67
C PRO B 101 12.47 -18.96 10.82
N TYR B 102 13.44 -18.08 10.56
CA TYR B 102 13.19 -16.63 10.59
C TYR B 102 12.19 -16.22 9.49
N CYS B 103 12.37 -16.75 8.28
CA CYS B 103 11.47 -16.47 7.15
C CYS B 103 10.08 -17.11 7.30
N GLN B 104 10.04 -18.34 7.78
CA GLN B 104 8.79 -19.03 8.10
C GLN B 104 7.98 -18.21 9.10
N LEU B 105 8.63 -17.81 10.18
CA LEU B 105 8.01 -16.99 11.21
C LEU B 105 7.59 -15.61 10.69
N SER B 106 8.37 -15.06 9.76
CA SER B 106 8.06 -13.77 9.12
C SER B 106 6.83 -13.86 8.21
N LYS B 107 6.77 -14.90 7.38
CA LYS B 107 5.57 -15.20 6.58
C LYS B 107 4.33 -15.31 7.47
N LYS B 108 4.47 -16.06 8.56
CA LYS B 108 3.37 -16.29 9.52
C LYS B 108 2.81 -15.00 10.12
N LEU B 109 3.69 -14.05 10.46
CA LEU B 109 3.31 -12.75 11.04
C LEU B 109 3.14 -11.61 10.01
N GLU B 110 3.33 -11.91 8.73
CA GLU B 110 3.21 -10.94 7.62
C GLU B 110 4.18 -9.75 7.71
N LEU B 111 5.38 -10.00 8.24
CA LEU B 111 6.44 -9.00 8.27
C LEU B 111 7.57 -9.45 7.36
N PRO B 112 8.45 -8.51 6.92
CA PRO B 112 9.63 -8.91 6.18
C PRO B 112 10.69 -9.45 7.14
N PRO B 113 11.53 -10.41 6.68
CA PRO B 113 12.55 -10.99 7.56
C PRO B 113 13.74 -10.04 7.79
N ILE B 114 13.51 -9.04 8.65
CA ILE B 114 14.53 -8.07 9.05
C ILE B 114 14.03 -7.39 10.32
N LEU B 115 14.96 -6.96 11.17
CA LEU B 115 14.59 -6.27 12.40
C LEU B 115 13.89 -4.96 12.04
N VAL B 116 12.62 -4.87 12.41
CA VAL B 116 11.82 -3.65 12.22
C VAL B 116 11.55 -2.97 13.55
N TYR B 117 11.00 -1.75 13.48
CA TYR B 117 10.57 -0.96 14.65
C TYR B 117 9.65 -1.78 15.58
N ALA B 118 8.71 -2.50 14.99
CA ALA B 118 7.79 -3.36 15.74
C ALA B 118 8.47 -4.45 16.57
N ASP B 119 9.64 -4.92 16.11
CA ASP B 119 10.42 -5.87 16.90
C ASP B 119 11.10 -5.14 18.04
N CYS B 120 12.03 -4.25 17.68
CA CYS B 120 13.01 -3.72 18.61
C CYS B 120 12.56 -2.50 19.42
N VAL B 121 11.30 -2.09 19.27
CA VAL B 121 10.68 -1.09 20.15
C VAL B 121 9.41 -1.69 20.73
N LEU B 122 8.44 -1.99 19.86
CA LEU B 122 7.10 -2.39 20.30
C LEU B 122 7.03 -3.71 21.08
N ALA B 123 7.99 -4.60 20.85
CA ALA B 123 8.04 -5.91 21.54
C ALA B 123 9.34 -6.13 22.34
N ASN B 124 10.19 -5.11 22.42
CA ASN B 124 11.52 -5.21 23.02
C ASN B 124 11.55 -4.48 24.34
N TRP B 125 10.65 -4.85 25.24
CA TRP B 125 10.55 -4.21 26.54
C TRP B 125 9.90 -5.07 27.61
N LYS B 126 10.32 -4.86 28.85
CA LYS B 126 9.64 -5.36 30.04
C LYS B 126 9.55 -4.20 31.01
N LYS B 127 8.64 -4.30 31.96
CA LYS B 127 8.68 -3.43 33.15
C LYS B 127 9.37 -4.20 34.27
N LYS B 128 10.22 -3.51 35.02
CA LYS B 128 10.98 -4.10 36.11
C LYS B 128 10.05 -4.51 37.25
N ASP B 129 9.20 -3.57 37.68
CA ASP B 129 8.19 -3.81 38.71
C ASP B 129 6.78 -3.72 38.08
N PRO B 130 6.08 -4.86 37.96
CA PRO B 130 4.69 -4.89 37.43
C PRO B 130 3.70 -3.94 38.12
N ASN B 131 3.88 -3.73 39.43
CA ASN B 131 3.02 -2.82 40.21
C ASN B 131 3.25 -1.34 39.84
N LYS B 132 4.52 -0.95 39.70
CA LYS B 132 4.89 0.42 39.32
C LYS B 132 4.56 0.68 37.84
N PRO B 133 4.30 1.95 37.46
CA PRO B 133 3.80 2.26 36.11
C PRO B 133 4.84 2.23 34.98
N LEU B 134 4.37 2.52 33.76
CA LEU B 134 5.20 2.52 32.54
C LEU B 134 6.00 3.82 32.37
N THR B 135 7.05 3.94 33.18
CA THR B 135 8.02 5.03 33.07
C THR B 135 9.38 4.44 32.75
N TYR B 136 10.25 5.26 32.17
CA TYR B 136 11.61 4.85 31.77
C TYR B 136 12.37 4.18 32.92
N GLU B 137 12.22 4.73 34.11
CA GLU B 137 12.95 4.27 35.31
C GLU B 137 12.50 2.87 35.73
N ASN B 138 11.23 2.53 35.51
CA ASN B 138 10.68 1.19 35.78
C ASN B 138 10.74 0.22 34.59
N MET B 139 11.39 0.62 33.49
CA MET B 139 11.39 -0.18 32.27
C MET B 139 12.81 -0.45 31.77
N ASP B 140 13.00 -1.62 31.16
CA ASP B 140 14.26 -2.01 30.48
C ASP B 140 13.93 -2.67 29.14
N VAL B 141 14.94 -2.78 28.27
CA VAL B 141 14.80 -3.54 27.01
C VAL B 141 15.27 -4.97 27.20
N LEU B 142 14.73 -5.87 26.38
CA LEU B 142 15.12 -7.28 26.42
C LEU B 142 16.45 -7.56 25.75
N PHE B 143 16.75 -6.84 24.66
CA PHE B 143 17.95 -7.11 23.87
C PHE B 143 18.70 -5.85 23.43
N SER B 144 20.03 -5.97 23.37
CA SER B 144 20.93 -4.94 22.86
C SER B 144 21.92 -5.59 21.90
N PHE B 145 22.80 -4.78 21.31
CA PHE B 145 23.79 -5.26 20.36
C PHE B 145 25.20 -5.21 20.92
N ARG B 146 25.58 -4.06 21.45
CA ARG B 146 26.89 -3.86 22.06
C ARG B 146 26.77 -3.18 23.41
N ASP B 147 27.82 -3.25 24.21
CA ASP B 147 27.88 -2.48 25.46
C ASP B 147 27.97 -1.01 25.09
N GLY B 148 27.23 -0.18 25.83
CA GLY B 148 27.21 1.27 25.63
C GLY B 148 26.73 1.71 24.25
N ASP B 149 25.80 0.97 23.67
CA ASP B 149 25.20 1.32 22.37
C ASP B 149 23.95 2.22 22.49
N CYS B 150 23.52 2.48 23.73
CA CYS B 150 22.30 3.26 24.02
C CYS B 150 21.01 2.70 23.39
N SER B 151 20.96 1.36 23.23
CA SER B 151 19.77 0.71 22.70
C SER B 151 18.57 0.91 23.64
N LYS B 152 18.81 0.77 24.95
CA LYS B 152 17.79 1.03 25.96
C LYS B 152 17.18 2.43 25.78
N GLY B 153 18.03 3.45 25.84
CA GLY B 153 17.58 4.83 25.72
C GLY B 153 16.85 5.11 24.43
N PHE B 154 17.42 4.62 23.33
CA PHE B 154 16.85 4.82 22.00
C PHE B 154 15.50 4.11 21.84
N PHE B 155 15.45 2.84 22.24
CA PHE B 155 14.23 2.03 22.10
C PHE B 155 13.13 2.38 23.08
N LEU B 156 13.47 2.66 24.35
CA LEU B 156 12.44 2.97 25.37
C LEU B 156 11.84 4.36 25.22
N VAL B 157 12.66 5.36 24.91
CA VAL B 157 12.13 6.70 24.63
C VAL B 157 11.17 6.62 23.43
N SER B 158 11.59 5.91 22.39
CA SER B 158 10.72 5.68 21.22
C SER B 158 9.41 5.02 21.63
N LEU B 159 9.50 3.99 22.48
CA LEU B 159 8.32 3.31 23.02
C LEU B 159 7.47 4.23 23.87
N LEU B 160 8.10 4.98 24.77
CA LEU B 160 7.38 5.91 25.64
C LEU B 160 6.66 7.01 24.84
N VAL B 161 7.25 7.41 23.71
CA VAL B 161 6.57 8.33 22.78
C VAL B 161 5.36 7.63 22.13
N GLU B 162 5.55 6.39 21.71
CA GLU B 162 4.45 5.57 21.19
C GLU B 162 3.31 5.46 22.21
N ILE B 163 3.67 5.18 23.47
CA ILE B 163 2.67 5.03 24.54
C ILE B 163 2.02 6.38 24.87
N ALA B 164 2.81 7.44 24.96
CA ALA B 164 2.29 8.80 25.14
C ALA B 164 1.23 9.11 24.07
N ALA B 165 1.59 8.84 22.81
CA ALA B 165 0.70 9.04 21.67
C ALA B 165 -0.52 8.11 21.63
N ALA B 166 -0.46 6.98 22.33
CA ALA B 166 -1.59 6.05 22.45
C ALA B 166 -2.85 6.66 23.08
N SER B 167 -2.67 7.63 23.97
CA SER B 167 -3.79 8.34 24.61
C SER B 167 -4.64 9.17 23.60
N ALA B 168 -4.02 9.56 22.48
CA ALA B 168 -4.75 10.18 21.37
C ALA B 168 -5.46 9.14 20.50
N ILE B 169 -4.86 7.97 20.32
CA ILE B 169 -5.37 6.94 19.40
C ILE B 169 -6.78 6.49 19.81
N LYS B 170 -6.99 6.30 21.12
CA LYS B 170 -8.31 5.90 21.66
C LYS B 170 -9.43 6.94 21.47
N VAL B 171 -9.04 8.21 21.27
CA VAL B 171 -9.98 9.31 21.00
C VAL B 171 -10.49 9.29 19.55
N ILE B 172 -9.75 8.64 18.64
CA ILE B 172 -10.08 8.63 17.20
C ILE B 172 -11.51 8.20 16.85
N PRO B 173 -11.98 7.05 17.38
CA PRO B 173 -13.37 6.65 17.08
C PRO B 173 -14.45 7.64 17.56
N THR B 174 -14.15 8.40 18.60
CA THR B 174 -15.03 9.50 19.03
C THR B 174 -15.12 10.60 17.97
N VAL B 175 -13.98 10.91 17.35
CA VAL B 175 -13.89 11.93 16.29
C VAL B 175 -14.79 11.57 15.11
N PHE B 176 -14.69 10.33 14.65
CA PHE B 176 -15.52 9.87 13.52
C PHE B 176 -16.99 9.72 13.88
N LYS B 177 -17.28 9.32 15.12
CA LYS B 177 -18.67 9.23 15.58
C LYS B 177 -19.28 10.62 15.71
N ALA B 178 -18.52 11.56 16.28
CA ALA B 178 -18.96 12.96 16.43
C ALA B 178 -19.32 13.62 15.10
N MET B 179 -18.56 13.31 14.04
CA MET B 179 -18.85 13.81 12.70
C MET B 179 -20.15 13.26 12.14
N GLN B 180 -20.25 11.94 12.07
CA GLN B 180 -21.45 11.30 11.52
C GLN B 180 -22.72 11.62 12.34
N MET B 181 -22.57 11.71 13.66
CA MET B 181 -23.66 12.15 14.54
C MET B 181 -23.89 13.66 14.57
N GLN B 182 -22.99 14.44 13.98
CA GLN B 182 -23.06 15.90 13.95
C GLN B 182 -23.09 16.47 15.38
N GLU B 183 -22.01 16.16 16.11
CA GLU B 183 -21.81 16.60 17.49
C GLU B 183 -20.57 17.49 17.55
N ARG B 184 -20.80 18.80 17.34
CA ARG B 184 -19.70 19.77 17.28
C ARG B 184 -18.89 19.80 18.57
N ASP B 185 -19.56 19.91 19.71
CA ASP B 185 -18.88 20.03 21.00
C ASP B 185 -18.04 18.79 21.34
N THR B 186 -18.57 17.61 20.99
CA THR B 186 -17.84 16.36 21.19
C THR B 186 -16.61 16.30 20.27
N LEU B 187 -16.80 16.67 19.00
CA LEU B 187 -15.69 16.74 18.06
C LEU B 187 -14.60 17.67 18.58
N LEU B 188 -15.00 18.85 19.07
CA LEU B 188 -14.06 19.84 19.58
C LEU B 188 -13.25 19.30 20.77
N LYS B 189 -13.95 18.78 21.77
CA LYS B 189 -13.34 18.15 22.95
C LYS B 189 -12.31 17.09 22.56
N ALA B 190 -12.69 16.24 21.61
CA ALA B 190 -11.85 15.14 21.12
C ALA B 190 -10.57 15.65 20.46
N LEU B 191 -10.74 16.58 19.51
CA LEU B 191 -9.60 17.20 18.82
C LEU B 191 -8.63 17.84 19.81
N LEU B 192 -9.16 18.53 20.83
CA LEU B 192 -8.31 19.13 21.87
C LEU B 192 -7.60 18.08 22.74
N GLU B 193 -8.29 16.99 23.05
CA GLU B 193 -7.69 15.88 23.79
C GLU B 193 -6.51 15.28 23.00
N ILE B 194 -6.75 15.04 21.71
CA ILE B 194 -5.70 14.56 20.80
C ILE B 194 -4.51 15.53 20.77
N ALA B 195 -4.80 16.83 20.63
CA ALA B 195 -3.74 17.84 20.60
C ALA B 195 -2.93 17.87 21.90
N SER B 196 -3.64 17.73 23.03
CA SER B 196 -3.00 17.66 24.35
C SER B 196 -2.10 16.43 24.50
N CYS B 197 -2.55 15.30 23.96
CA CYS B 197 -1.78 14.04 24.00
C CYS B 197 -0.53 14.09 23.14
N LEU B 198 -0.65 14.69 21.96
CA LEU B 198 0.49 14.87 21.06
C LEU B 198 1.51 15.87 21.60
N GLU B 199 1.01 16.89 22.30
CA GLU B 199 1.87 17.83 23.03
C GLU B 199 2.62 17.14 24.17
N LYS B 200 1.93 16.26 24.90
CA LYS B 200 2.56 15.44 25.96
C LYS B 200 3.61 14.46 25.42
N ALA B 201 3.36 13.91 24.23
CA ALA B 201 4.33 13.03 23.56
C ALA B 201 5.65 13.73 23.23
N LEU B 202 5.59 15.00 22.86
CA LEU B 202 6.77 15.82 22.61
C LEU B 202 7.62 15.98 23.87
N GLN B 203 6.96 16.21 25.01
CA GLN B 203 7.66 16.33 26.29
C GLN B 203 8.34 15.02 26.68
N VAL B 204 7.68 13.89 26.40
CA VAL B 204 8.26 12.56 26.58
C VAL B 204 9.48 12.37 25.65
N PHE B 205 9.36 12.87 24.41
CA PHE B 205 10.45 12.84 23.42
C PHE B 205 11.75 13.46 23.95
N HIS B 206 11.64 14.46 24.83
CA HIS B 206 12.82 15.16 25.38
C HIS B 206 13.82 14.25 26.15
N GLN B 207 13.34 13.12 26.66
CA GLN B 207 14.18 12.16 27.39
C GLN B 207 15.31 11.50 26.56
N ILE B 208 15.22 11.56 25.22
CA ILE B 208 16.25 11.02 24.32
C ILE B 208 17.64 11.62 24.61
N HIS B 209 17.68 12.91 24.94
CA HIS B 209 18.91 13.61 25.31
C HIS B 209 19.53 13.09 26.60
N ASP B 210 18.70 12.59 27.51
CA ASP B 210 19.17 12.03 28.78
C ASP B 210 19.84 10.67 28.62
N HIS B 211 19.26 9.81 27.78
CA HIS B 211 19.63 8.39 27.74
C HIS B 211 20.36 7.90 26.48
N VAL B 212 20.60 8.80 25.51
CA VAL B 212 21.33 8.46 24.28
C VAL B 212 22.50 9.44 24.05
N ASN B 213 23.59 8.89 23.52
CA ASN B 213 24.85 9.63 23.27
C ASN B 213 25.14 9.64 21.74
N PRO B 214 25.30 10.84 21.12
CA PRO B 214 25.57 11.00 19.69
C PRO B 214 26.67 10.12 19.08
N LYS B 215 27.80 10.01 19.79
CA LYS B 215 28.90 9.15 19.37
C LYS B 215 28.47 7.70 19.40
N ALA B 216 27.90 7.28 20.52
CA ALA B 216 27.44 5.90 20.71
C ALA B 216 26.34 5.49 19.73
N PHE B 217 25.40 6.40 19.45
CA PHE B 217 24.34 6.11 18.48
C PHE B 217 24.87 5.96 17.06
N PHE B 218 25.59 6.97 16.58
CA PHE B 218 26.04 7.03 15.18
C PHE B 218 26.97 5.89 14.81
N SER B 219 28.02 5.70 15.62
CA SER B 219 29.08 4.73 15.32
C SER B 219 28.75 3.28 15.65
N VAL B 220 27.75 3.04 16.50
CA VAL B 220 27.41 1.69 16.96
C VAL B 220 25.97 1.31 16.58
N LEU B 221 24.97 1.85 17.29
CA LEU B 221 23.57 1.41 17.12
C LEU B 221 23.04 1.63 15.70
N ARG B 222 23.46 2.71 15.05
CA ARG B 222 23.02 3.01 13.69
C ARG B 222 23.43 1.91 12.71
N ILE B 223 24.59 1.30 12.94
CA ILE B 223 25.11 0.25 12.08
C ILE B 223 24.22 -1.00 12.14
N TYR B 224 23.88 -1.42 13.36
CA TYR B 224 23.08 -2.62 13.58
C TYR B 224 21.62 -2.47 13.18
N LEU B 225 21.12 -1.24 13.09
CA LEU B 225 19.77 -0.98 12.58
C LEU B 225 19.73 -0.82 11.06
N SER B 226 20.89 -0.69 10.42
CA SER B 226 20.98 -0.57 8.97
C SER B 226 20.46 -1.84 8.30
N GLY B 227 19.85 -1.68 7.13
CA GLY B 227 19.30 -2.79 6.37
C GLY B 227 20.09 -3.00 5.11
N TRP B 228 19.45 -3.59 4.11
CA TRP B 228 20.07 -3.90 2.83
C TRP B 228 19.08 -3.66 1.67
N LYS B 229 18.54 -2.44 1.63
CA LYS B 229 17.83 -1.91 0.47
C LYS B 229 18.60 -0.69 0.00
N GLY B 230 19.29 -0.82 -1.13
CA GLY B 230 20.16 0.24 -1.64
C GLY B 230 21.34 0.53 -0.73
N ASN B 231 21.95 -0.54 -0.20
CA ASN B 231 23.12 -0.44 0.67
C ASN B 231 24.30 -1.01 -0.10
N PRO B 232 25.31 -0.17 -0.44
CA PRO B 232 26.54 -0.63 -1.14
C PRO B 232 27.23 -1.87 -0.56
N GLN B 233 27.21 -2.02 0.77
CA GLN B 233 27.85 -3.14 1.46
C GLN B 233 27.22 -4.51 1.13
N LEU B 234 25.89 -4.53 1.03
CA LEU B 234 25.16 -5.70 0.51
C LEU B 234 24.44 -5.28 -0.79
N SER B 235 25.22 -5.29 -1.88
CA SER B 235 24.80 -4.76 -3.18
C SER B 235 23.40 -5.22 -3.62
N ASP B 236 23.23 -6.54 -3.74
CA ASP B 236 21.97 -7.13 -4.22
C ASP B 236 21.10 -7.68 -3.07
N GLY B 237 21.22 -7.09 -1.88
CA GLY B 237 20.49 -7.54 -0.70
C GLY B 237 21.16 -8.73 -0.03
N LEU B 238 20.41 -9.42 0.82
CA LEU B 238 20.92 -10.52 1.62
C LEU B 238 20.35 -11.85 1.11
N VAL B 239 21.21 -12.87 1.05
CA VAL B 239 20.78 -14.24 0.75
C VAL B 239 20.21 -14.88 2.02
N TYR B 240 18.92 -15.20 1.97
CA TYR B 240 18.26 -16.02 3.00
C TYR B 240 18.38 -17.48 2.56
N GLU B 241 19.55 -18.05 2.81
CA GLU B 241 19.93 -19.40 2.39
C GLU B 241 18.85 -20.43 2.73
N GLY B 242 18.48 -21.24 1.75
CA GLY B 242 17.51 -22.31 1.95
C GLY B 242 16.04 -21.94 1.98
N PHE B 243 15.71 -20.64 1.85
CA PHE B 243 14.31 -20.19 1.79
C PHE B 243 14.01 -19.56 0.43
N TRP B 244 14.78 -18.54 0.08
CA TRP B 244 14.78 -17.94 -1.25
C TRP B 244 16.16 -18.19 -1.87
N GLU B 245 16.18 -18.44 -3.18
CA GLU B 245 17.43 -18.72 -3.92
C GLU B 245 18.23 -17.44 -4.10
N ASP B 246 17.61 -16.43 -4.71
CA ASP B 246 18.24 -15.13 -4.92
C ASP B 246 18.36 -14.35 -3.61
N PRO B 247 19.28 -13.36 -3.57
CA PRO B 247 19.27 -12.45 -2.43
C PRO B 247 18.07 -11.51 -2.52
N LYS B 248 17.56 -11.07 -1.37
CA LYS B 248 16.39 -10.21 -1.30
C LYS B 248 16.69 -8.97 -0.47
N GLU B 249 16.32 -7.80 -1.00
CA GLU B 249 16.53 -6.52 -0.32
C GLU B 249 15.38 -6.22 0.63
N PHE B 250 15.71 -5.73 1.83
CA PHE B 250 14.74 -5.19 2.77
C PHE B 250 15.32 -3.96 3.47
N ALA B 251 14.48 -2.98 3.75
CA ALA B 251 14.89 -1.71 4.37
C ALA B 251 15.14 -1.88 5.86
N GLY B 252 16.13 -1.13 6.37
CA GLY B 252 16.45 -1.14 7.80
C GLY B 252 15.41 -0.42 8.65
N GLY B 253 15.60 -0.47 9.97
CA GLY B 253 14.66 0.12 10.92
C GLY B 253 14.54 1.63 10.78
N SER B 254 13.34 2.13 11.05
CA SER B 254 13.00 3.55 10.85
C SER B 254 11.85 3.97 11.76
N ALA B 255 11.79 5.25 12.09
CA ALA B 255 10.61 5.81 12.76
C ALA B 255 9.39 5.79 11.82
N GLY B 256 9.62 5.90 10.51
CA GLY B 256 8.57 5.72 9.50
C GLY B 256 7.77 4.42 9.63
N GLN B 257 8.40 3.39 10.18
CA GLN B 257 7.73 2.12 10.48
C GLN B 257 6.77 2.19 11.68
N SER B 258 6.83 3.26 12.48
CA SER B 258 5.85 3.50 13.54
C SER B 258 4.50 3.85 12.92
N SER B 259 3.45 3.21 13.42
CA SER B 259 2.08 3.52 12.98
C SER B 259 1.59 4.87 13.51
N VAL B 260 2.14 5.28 14.66
CA VAL B 260 1.86 6.61 15.25
C VAL B 260 2.46 7.72 14.38
N PHE B 261 3.63 7.45 13.83
CA PHE B 261 4.30 8.35 12.87
C PHE B 261 3.41 8.68 11.65
N GLN B 262 2.46 7.81 11.30
CA GLN B 262 1.58 8.01 10.13
C GLN B 262 0.11 8.31 10.42
N CYS B 263 -0.46 7.74 11.48
CA CYS B 263 -1.92 7.68 11.64
C CYS B 263 -2.61 9.01 11.86
N PHE B 264 -1.93 9.93 12.54
CA PHE B 264 -2.47 11.27 12.76
C PHE B 264 -2.45 12.13 11.52
N ASP B 265 -1.49 11.90 10.63
CA ASP B 265 -1.47 12.56 9.33
C ASP B 265 -2.64 12.07 8.47
N VAL B 266 -2.97 10.80 8.61
CA VAL B 266 -4.14 10.23 7.94
C VAL B 266 -5.42 10.80 8.54
N LEU B 267 -5.53 10.76 9.88
CA LEU B 267 -6.69 11.29 10.61
C LEU B 267 -7.05 12.71 10.17
N LEU B 268 -6.04 13.56 10.10
CA LEU B 268 -6.24 14.99 9.90
C LEU B 268 -6.28 15.44 8.44
N GLY B 269 -6.32 14.47 7.51
CA GLY B 269 -6.41 14.77 6.09
C GLY B 269 -5.14 15.32 5.49
N ILE B 270 -4.01 15.07 6.15
CA ILE B 270 -2.71 15.52 5.67
C ILE B 270 -2.25 14.45 4.69
N GLN B 271 -2.30 14.77 3.40
CA GLN B 271 -2.11 13.78 2.34
C GLN B 271 -0.64 13.40 2.16
N GLN B 272 -0.08 12.71 3.16
CA GLN B 272 1.36 12.38 3.18
C GLN B 272 1.76 11.32 2.17
N THR B 273 0.86 10.35 1.93
CA THR B 273 1.12 9.21 1.03
C THR B 273 0.46 9.33 -0.36
N ALA B 274 -0.23 10.46 -0.62
CA ALA B 274 -0.96 10.67 -1.87
C ALA B 274 -0.10 11.22 -3.01
N GLY B 275 0.88 12.07 -2.67
CA GLY B 275 1.66 12.83 -3.65
C GLY B 275 2.36 12.05 -4.75
N GLY B 276 2.83 10.85 -4.42
CA GLY B 276 3.60 10.02 -5.35
C GLY B 276 5.09 10.36 -5.42
N GLY B 277 5.56 11.20 -4.51
CA GLY B 277 6.98 11.56 -4.42
C GLY B 277 7.76 10.52 -3.63
N HIS B 278 9.02 10.85 -3.34
CA HIS B 278 9.91 9.95 -2.58
C HIS B 278 9.43 9.77 -1.14
N ALA B 279 9.02 10.88 -0.52
CA ALA B 279 8.50 10.86 0.86
C ALA B 279 7.21 10.05 0.97
N ALA B 280 6.31 10.24 0.02
CA ALA B 280 5.02 9.53 0.00
C ALA B 280 5.16 8.03 -0.22
N GLN B 281 6.05 7.65 -1.15
CA GLN B 281 6.31 6.24 -1.45
C GLN B 281 6.96 5.53 -0.27
N PHE B 282 7.91 6.19 0.37
CA PHE B 282 8.60 5.62 1.54
C PHE B 282 7.61 5.29 2.66
N LEU B 283 6.74 6.26 2.98
CA LEU B 283 5.71 6.08 4.01
C LEU B 283 4.74 4.95 3.68
N GLN B 284 4.38 4.84 2.41
CA GLN B 284 3.56 3.74 1.91
C GLN B 284 4.31 2.42 2.04
N ASP B 285 5.54 2.37 1.52
CA ASP B 285 6.39 1.19 1.59
C ASP B 285 6.60 0.68 3.02
N MET B 286 6.80 1.61 3.95
CA MET B 286 6.96 1.25 5.37
C MET B 286 5.72 0.67 6.04
N ARG B 287 4.54 0.81 5.43
CA ARG B 287 3.31 0.18 5.97
C ARG B 287 3.39 -1.33 5.98
N ARG B 288 4.11 -1.90 5.02
CA ARG B 288 4.37 -3.35 4.95
C ARG B 288 5.44 -3.84 5.94
N TYR B 289 6.11 -2.92 6.64
CA TYR B 289 7.07 -3.24 7.72
C TYR B 289 6.43 -3.12 9.11
N MET B 290 5.12 -2.86 9.16
CA MET B 290 4.35 -2.81 10.40
C MET B 290 3.54 -4.10 10.51
N PRO B 291 3.13 -4.47 11.74
CA PRO B 291 2.22 -5.62 11.89
C PRO B 291 0.94 -5.41 11.07
N PRO B 292 0.41 -6.49 10.47
CA PRO B 292 -0.68 -6.36 9.50
C PRO B 292 -1.94 -5.65 10.03
N ALA B 293 -2.28 -5.87 11.30
CA ALA B 293 -3.42 -5.19 11.93
C ALA B 293 -3.26 -3.67 12.00
N HIS B 294 -2.02 -3.21 12.09
CA HIS B 294 -1.73 -1.77 12.16
C HIS B 294 -1.74 -1.09 10.78
N ARG B 295 -1.34 -1.80 9.73
CA ARG B 295 -1.47 -1.25 8.37
C ARG B 295 -2.96 -1.22 7.95
N ASN B 296 -3.71 -2.24 8.39
CA ASN B 296 -5.16 -2.29 8.23
C ASN B 296 -5.82 -1.08 8.88
N PHE B 297 -5.37 -0.76 10.09
CA PHE B 297 -5.84 0.43 10.81
C PHE B 297 -5.61 1.71 10.01
N LEU B 298 -4.40 1.87 9.47
CA LEU B 298 -4.06 3.08 8.70
C LEU B 298 -4.95 3.29 7.48
N CYS B 299 -5.16 2.24 6.68
CA CYS B 299 -6.05 2.35 5.51
C CYS B 299 -7.54 2.45 5.89
N SER B 300 -7.93 1.90 7.03
CA SER B 300 -9.31 2.06 7.53
C SER B 300 -9.61 3.53 7.87
N LEU B 301 -8.62 4.23 8.46
CA LEU B 301 -8.73 5.69 8.67
C LEU B 301 -8.84 6.46 7.37
N GLU B 302 -8.16 6.00 6.33
CA GLU B 302 -8.34 6.55 4.98
C GLU B 302 -9.77 6.32 4.47
N SER B 303 -10.36 5.15 4.78
CA SER B 303 -11.74 4.82 4.37
C SER B 303 -12.82 5.70 4.99
N ASN B 304 -12.55 6.28 6.17
CA ASN B 304 -13.51 7.17 6.83
C ASN B 304 -13.53 8.56 6.19
N PRO B 305 -14.66 9.28 6.34
CA PRO B 305 -14.73 10.63 5.75
C PRO B 305 -13.74 11.61 6.38
N SER B 306 -13.30 12.59 5.59
CA SER B 306 -12.25 13.53 5.97
C SER B 306 -12.65 14.44 7.14
N VAL B 307 -11.76 14.52 8.12
CA VAL B 307 -11.94 15.43 9.26
C VAL B 307 -11.64 16.86 8.81
N ARG B 308 -10.65 17.02 7.94
CA ARG B 308 -10.30 18.32 7.37
C ARG B 308 -11.50 18.94 6.63
N GLU B 309 -12.13 18.16 5.75
CA GLU B 309 -13.32 18.61 5.00
C GLU B 309 -14.52 18.95 5.90
N PHE B 310 -14.67 18.19 6.99
CA PHE B 310 -15.76 18.45 7.94
C PHE B 310 -15.51 19.79 8.63
N VAL B 311 -14.34 19.94 9.23
CA VAL B 311 -13.97 21.16 9.94
C VAL B 311 -14.05 22.40 9.04
N LEU B 312 -13.56 22.29 7.80
CA LEU B 312 -13.64 23.38 6.81
C LEU B 312 -15.08 23.80 6.46
N SER B 313 -15.98 22.83 6.40
CA SER B 313 -17.36 23.09 5.98
C SER B 313 -18.17 23.93 6.99
N LYS B 314 -17.82 23.86 8.27
CA LYS B 314 -18.70 24.37 9.33
C LYS B 314 -18.51 25.84 9.78
N GLY B 315 -17.61 26.58 9.13
CA GLY B 315 -17.40 28.02 9.43
C GLY B 315 -17.33 28.32 10.91
N ASP B 316 -16.51 27.55 11.62
CA ASP B 316 -16.51 27.46 13.08
C ASP B 316 -15.07 27.66 13.57
N ALA B 317 -14.79 28.81 14.16
CA ALA B 317 -13.42 29.17 14.55
C ALA B 317 -12.87 28.27 15.65
N GLY B 318 -13.71 27.92 16.62
CA GLY B 318 -13.34 26.98 17.69
C GLY B 318 -12.84 25.66 17.15
N LEU B 319 -13.59 25.09 16.20
CA LEU B 319 -13.21 23.83 15.56
C LEU B 319 -11.87 23.92 14.82
N ARG B 320 -11.70 24.98 14.04
CA ARG B 320 -10.44 25.20 13.32
C ARG B 320 -9.26 25.36 14.28
N GLU B 321 -9.48 25.99 15.42
CA GLU B 321 -8.44 26.12 16.45
C GLU B 321 -8.03 24.76 17.03
N ALA B 322 -9.02 23.89 17.25
CA ALA B 322 -8.77 22.55 17.77
C ALA B 322 -8.09 21.67 16.74
N TYR B 323 -8.50 21.79 15.48
CA TYR B 323 -7.85 21.08 14.37
C TYR B 323 -6.40 21.54 14.22
N ASP B 324 -6.18 22.86 14.22
CA ASP B 324 -4.83 23.42 14.13
C ASP B 324 -3.91 23.03 15.30
N ALA B 325 -4.48 22.96 16.50
CA ALA B 325 -3.74 22.47 17.68
C ALA B 325 -3.13 21.08 17.42
N CYS B 326 -3.90 20.21 16.76
CA CYS B 326 -3.39 18.88 16.36
C CYS B 326 -2.29 18.99 15.32
N VAL B 327 -2.50 19.81 14.30
CA VAL B 327 -1.51 19.97 13.23
C VAL B 327 -0.24 20.61 13.80
N LYS B 328 -0.39 21.72 14.55
CA LYS B 328 0.74 22.38 15.22
C LYS B 328 1.54 21.41 16.10
N ALA B 329 0.85 20.54 16.84
CA ALA B 329 1.49 19.52 17.68
C ALA B 329 2.34 18.54 16.86
N LEU B 330 1.84 18.15 15.69
CA LEU B 330 2.61 17.30 14.77
C LEU B 330 3.83 18.02 14.23
N VAL B 331 3.70 19.31 13.90
CA VAL B 331 4.83 20.09 13.41
C VAL B 331 5.95 20.12 14.47
N SER B 332 5.57 20.36 15.73
CA SER B 332 6.52 20.32 16.85
C SER B 332 7.32 19.03 16.89
N LEU B 333 6.61 17.91 16.68
CA LEU B 333 7.24 16.58 16.66
C LEU B 333 8.18 16.38 15.47
N ARG B 334 7.81 16.87 14.29
CA ARG B 334 8.70 16.80 13.12
C ARG B 334 9.96 17.63 13.35
N SER B 335 9.76 18.88 13.75
CA SER B 335 10.86 19.80 14.09
C SER B 335 11.82 19.24 15.14
N TYR B 336 11.27 18.52 16.13
CA TYR B 336 12.08 17.94 17.19
C TYR B 336 12.84 16.72 16.68
N HIS B 337 12.17 15.89 15.88
CA HIS B 337 12.81 14.77 15.19
C HIS B 337 13.96 15.27 14.32
N LEU B 338 13.74 16.37 13.60
CA LEU B 338 14.82 17.03 12.84
C LEU B 338 16.00 17.46 13.72
N GLN B 339 15.71 18.00 14.91
CA GLN B 339 16.76 18.40 15.87
C GLN B 339 17.57 17.20 16.36
N ILE B 340 16.88 16.09 16.65
CA ILE B 340 17.54 14.83 17.03
C ILE B 340 18.44 14.32 15.89
N VAL B 341 17.96 14.38 14.65
CA VAL B 341 18.74 13.94 13.48
C VAL B 341 20.04 14.74 13.35
N THR B 342 19.97 16.04 13.57
CA THR B 342 21.16 16.91 13.52
C THR B 342 22.17 16.55 14.61
N LYS B 343 21.68 16.37 15.84
CA LYS B 343 22.52 16.06 16.99
C LYS B 343 23.14 14.66 16.92
N TYR B 344 22.37 13.67 16.49
CA TYR B 344 22.78 12.25 16.57
C TYR B 344 23.27 11.62 15.27
N ILE B 345 22.95 12.22 14.12
CA ILE B 345 23.40 11.70 12.82
C ILE B 345 24.37 12.68 12.15
N LEU B 346 23.93 13.92 11.93
CA LEU B 346 24.70 14.89 11.12
C LEU B 346 26.01 15.34 11.76
N ILE B 347 25.94 15.75 13.02
CA ILE B 347 27.09 16.29 13.74
C ILE B 347 28.21 15.24 13.93
N PRO B 348 27.86 14.02 14.40
CA PRO B 348 28.81 12.89 14.36
C PRO B 348 29.34 12.54 12.96
N ALA B 349 28.49 12.63 11.94
CA ALA B 349 28.89 12.29 10.55
C ALA B 349 29.94 13.25 9.99
N SER B 350 29.79 14.53 10.30
CA SER B 350 30.78 15.54 9.89
C SER B 350 32.12 15.42 10.62
N GLN B 351 32.06 15.02 11.89
CA GLN B 351 33.26 15.01 12.75
C GLN B 351 34.27 13.87 12.52
N GLN B 352 33.88 12.81 11.80
CA GLN B 352 34.78 11.66 11.58
C GLN B 352 35.84 11.93 10.52
N GLY B 372 23.32 11.17 6.50
CA GLY B 372 21.89 11.15 6.78
C GLY B 372 21.14 12.34 6.21
N THR B 373 21.48 12.71 4.97
CA THR B 373 20.81 13.80 4.26
C THR B 373 19.43 13.39 3.76
N ASP B 374 19.28 12.10 3.40
CA ASP B 374 18.00 11.53 2.93
C ASP B 374 16.91 11.71 3.98
N LEU B 375 17.24 11.35 5.22
CA LEU B 375 16.29 11.45 6.33
C LEU B 375 15.94 12.90 6.67
N MET B 376 16.92 13.80 6.59
CA MET B 376 16.72 15.23 6.78
C MET B 376 15.71 15.83 5.81
N ASN B 377 15.99 15.69 4.51
CA ASN B 377 15.12 16.21 3.46
C ASN B 377 13.75 15.51 3.43
N PHE B 378 13.73 14.23 3.78
CA PHE B 378 12.47 13.51 3.99
C PHE B 378 11.65 14.19 5.08
N LEU B 379 12.25 14.36 6.25
CA LEU B 379 11.58 15.02 7.38
C LEU B 379 11.20 16.49 7.10
N LYS B 380 12.04 17.20 6.34
CA LYS B 380 11.73 18.56 5.91
C LYS B 380 10.49 18.60 5.00
N THR B 381 10.38 17.63 4.10
CA THR B 381 9.20 17.48 3.23
C THR B 381 7.93 17.19 4.03
N VAL B 382 8.04 16.27 4.99
CA VAL B 382 6.91 15.87 5.84
C VAL B 382 6.42 17.04 6.70
N ARG B 383 7.37 17.80 7.27
CA ARG B 383 7.07 18.98 8.09
C ARG B 383 6.41 20.11 7.28
N SER B 384 6.92 20.39 6.09
CA SER B 384 6.35 21.43 5.21
C SER B 384 4.94 21.04 4.77
N THR B 385 4.76 19.78 4.42
CA THR B 385 3.44 19.23 4.08
C THR B 385 2.47 19.35 5.26
N THR B 386 2.94 19.01 6.45
CA THR B 386 2.18 19.17 7.69
C THR B 386 1.87 20.64 8.00
N GLU B 387 2.88 21.50 7.90
CA GLU B 387 2.72 22.93 8.17
C GLU B 387 1.73 23.58 7.19
N LYS B 388 1.76 23.15 5.93
CA LYS B 388 0.82 23.63 4.91
C LYS B 388 -0.65 23.22 5.16
N SER B 389 -0.87 22.16 5.95
CA SER B 389 -2.22 21.70 6.28
C SER B 389 -2.97 22.54 7.33
N LEU B 390 -2.31 23.55 7.90
CA LEU B 390 -2.96 24.47 8.85
C LEU B 390 -4.05 25.29 8.17
N LEU B 391 -5.08 25.63 8.96
CA LEU B 391 -6.21 26.48 8.52
C LEU B 391 -5.99 27.95 8.89
N LYS B 392 -5.27 28.20 9.99
CA LYS B 392 -4.76 29.52 10.38
C LYS B 392 -3.28 29.36 10.77
N GLU B 393 -2.47 30.40 10.54
CA GLU B 393 -1.00 30.32 10.72
C GLU B 393 -0.60 29.96 12.17
C2 6IZ C . -6.31 -6.37 -20.30
C4 6IZ C . -6.76 -3.96 -19.87
C5 6IZ C . -5.46 -3.54 -19.53
C6 6IZ C . -5.19 -2.19 -19.39
C7 6IZ C . -6.18 -1.24 -19.59
C11 6IZ C . -6.92 -7.73 -20.50
C12 6IZ C . -7.97 -7.80 -21.64
C15 6IZ C . -7.33 -8.31 -19.17
C16 6IZ C . -6.33 -8.90 -18.40
C17 6IZ C . -6.62 -9.48 -17.19
C18 6IZ C . -7.93 -9.47 -16.70
C19 6IZ C . -8.95 -8.87 -17.47
C21 6IZ C . -8.21 -10.11 -15.41
N22 6IZ C . -9.35 -10.01 -14.68
C23 6IZ C . -9.18 -10.82 -13.56
C24 6IZ C . -9.96 -11.12 -12.48
C27 6IZ C . -7.46 -12.27 -12.67
O1 6IZ C . -5.11 -6.26 -20.35
N3 6IZ C . -7.14 -5.32 -20.04
F8 6IZ C . -5.89 0.06 -19.46
C9 6IZ C . -7.46 -1.65 -19.94
C10 6IZ C . -7.75 -2.99 -20.08
O13 6IZ C . -6.98 -8.48 -22.44
C14 6IZ C . -6.07 -8.70 -21.37
C20 6IZ C . -8.65 -8.29 -18.70
C25 6IZ C . -9.52 -11.98 -11.49
C26 6IZ C . -8.26 -12.55 -11.60
C28 6IZ C . -7.91 -11.40 -13.68
N29 6IZ C . -7.38 -10.94 -14.82
C2 6IZ D . 13.88 7.11 16.35
C4 6IZ D . 13.60 4.67 16.08
C5 6IZ D . 13.98 4.52 14.74
C6 6IZ D . 14.25 3.26 14.24
C7 6IZ D . 14.17 2.16 15.06
C11 6IZ D . 13.52 8.33 17.17
C12 6IZ D . 14.03 8.27 18.63
C15 6IZ D . 12.07 8.73 17.00
C16 6IZ D . 11.74 9.45 15.87
C17 6IZ D . 10.46 9.88 15.64
C18 6IZ D . 9.46 9.56 16.57
C19 6IZ D . 9.78 8.84 17.73
C21 6IZ D . 8.09 10.05 16.33
N22 6IZ D . 6.96 9.62 16.98
C23 6IZ D . 5.92 10.37 16.46
C24 6IZ D . 4.56 10.39 16.70
C27 6IZ D . 5.64 12.11 14.78
O1 6IZ D . 14.65 7.23 15.43
N3 6IZ D . 13.32 5.91 16.69
F8 6IZ D . 14.44 0.93 14.56
C9 6IZ D . 13.80 2.29 16.39
C10 6IZ D . 13.52 3.54 16.90
O13 6IZ D . 15.18 8.99 18.15
C14 6IZ D . 14.46 9.56 17.05
C20 6IZ D . 11.08 8.42 17.94
C25 6IZ D . 3.74 11.27 15.99
C26 6IZ D . 4.29 12.13 15.04
C28 6IZ D . 6.47 11.23 15.49
N29 6IZ D . 7.80 10.99 15.48
#